data_1B3L
#
_entry.id   1B3L
#
_cell.length_a   69.910
_cell.length_b   74.800
_cell.length_c   103.770
_cell.angle_alpha   90.00
_cell.angle_beta   91.10
_cell.angle_gamma   90.00
#
_symmetry.space_group_name_H-M   'P 1 21 1'
#
loop_
_entity.id
_entity.type
_entity.pdbx_description
1 polymer 'PROTEIN (OLIGO-PEPTIDE BINDING PROTEIN)'
2 polymer 'PROTEIN (LYS-GLY-LYS)'
3 non-polymer 'URANYL (VI) ION'
4 water water
#
loop_
_entity_poly.entity_id
_entity_poly.type
_entity_poly.pdbx_seq_one_letter_code
_entity_poly.pdbx_strand_id
1 'polypeptide(L)'
;ADVPAGVQLADKQTLVRNNGSEVQSLDPHKIEGVPESNVSRDLFEGLLISDVEGHPSPGVAEKWENKDFKVWTFHLRENA
KWSDGTPVTAHDFVYSWQRLADPNTASPYASYLQYGHIANIDDIIAGKKPATDLGVKALDDHTFEVTLSEPVPYFYKLLV
HPSVSPVPKSAVEKFGDKWTQPANIVTNGAYKLKNWVVNERIVLERNPQYWDNAKTVINQVTYLPISSEVTDVNRYRSGE
IDMTYNNMPIELFQKLKKEIPNEVRVDPYLCTYYYEINNQKAPFNDVRVRTALKLALDRDIIVNKVKNQGDLPAYSYTPP
YTDGAKLVEPEWFKWSQQKRNEEAKKLLAEAGFTADKPLTFDLLYNTSDLHKKLAIAVASIWKKNLGVNVNLENQEWKTF
LDTRHQGTFDVARAGWCADYNEPTSFLNTMLSDSSNNTAHYKSPAFDKLIADTLKVADDTQRSELYAKAEQQLDKDSAIV
PVYYYVNARLVKPWVGGYTGKDPLDNIYVKNLYIIKH
;
A,C
2 'polypeptide(L)' KGK B,D
#
# COMPACT_ATOMS: atom_id res chain seq x y z
N ALA A 1 10.68 -17.29 5.58
CA ALA A 1 10.44 -16.01 6.28
C ALA A 1 10.04 -16.20 7.74
N ASP A 2 10.03 -15.08 8.46
CA ASP A 2 9.59 -15.07 9.85
C ASP A 2 8.58 -13.92 9.91
N VAL A 3 7.37 -14.23 9.44
CA VAL A 3 6.33 -13.21 9.34
C VAL A 3 5.87 -12.75 10.72
N PRO A 4 5.83 -11.43 10.89
CA PRO A 4 5.49 -10.80 12.15
C PRO A 4 4.01 -10.95 12.46
N ALA A 5 3.69 -11.73 13.50
CA ALA A 5 2.29 -11.94 13.88
C ALA A 5 1.60 -10.58 13.87
N GLY A 6 0.67 -10.39 12.94
CA GLY A 6 0.00 -9.09 12.81
C GLY A 6 0.32 -8.45 11.46
N VAL A 7 0.48 -9.26 10.42
CA VAL A 7 0.79 -8.84 9.07
C VAL A 7 -0.13 -9.54 8.05
N GLN A 8 -0.71 -8.81 7.10
CA GLN A 8 -1.55 -9.42 6.09
C GLN A 8 -0.74 -9.81 4.85
N LEU A 9 -0.75 -11.11 4.55
CA LEU A 9 -0.05 -11.63 3.39
C LEU A 9 -0.93 -11.54 2.15
N ALA A 10 -0.42 -11.03 1.03
CA ALA A 10 -1.20 -10.95 -0.19
C ALA A 10 -1.63 -12.36 -0.60
N ASP A 11 -2.49 -12.49 -1.61
CA ASP A 11 -2.90 -13.82 -2.01
C ASP A 11 -1.95 -14.43 -3.04
N LYS A 12 -1.35 -13.58 -3.88
CA LYS A 12 -0.42 -14.10 -4.88
C LYS A 12 1.00 -13.87 -4.36
N GLN A 13 1.71 -14.96 -4.04
CA GLN A 13 3.07 -14.86 -3.51
C GLN A 13 4.09 -15.07 -4.63
N THR A 14 4.21 -14.03 -5.47
CA THR A 14 5.12 -13.98 -6.58
C THR A 14 6.00 -12.73 -6.39
N LEU A 15 7.18 -12.75 -6.97
CA LEU A 15 8.13 -11.64 -6.82
C LEU A 15 9.03 -11.53 -8.05
N VAL A 16 9.14 -10.30 -8.57
CA VAL A 16 10.00 -10.04 -9.72
C VAL A 16 11.20 -9.20 -9.23
N ARG A 17 12.39 -9.72 -9.55
CA ARG A 17 13.65 -9.08 -9.12
C ARG A 17 14.56 -8.80 -10.30
N ASN A 18 15.15 -7.63 -10.43
CA ASN A 18 16.11 -7.44 -11.52
C ASN A 18 17.49 -7.98 -11.06
N ASN A 19 18.22 -8.63 -11.94
CA ASN A 19 19.50 -9.26 -11.52
C ASN A 19 20.73 -8.65 -12.18
N GLY A 20 20.54 -7.54 -12.90
CA GLY A 20 21.65 -6.81 -13.45
C GLY A 20 22.28 -7.29 -14.70
N SER A 21 22.26 -8.58 -15.01
CA SER A 21 22.86 -9.19 -16.16
C SER A 21 22.39 -10.63 -16.31
N GLU A 22 22.71 -11.23 -17.43
CA GLU A 22 22.51 -12.64 -17.71
C GLU A 22 23.66 -13.41 -17.03
N VAL A 23 23.38 -14.33 -16.14
CA VAL A 23 24.43 -15.04 -15.41
C VAL A 23 25.44 -15.79 -16.25
N GLN A 24 26.66 -16.03 -15.69
CA GLN A 24 27.62 -16.85 -16.39
C GLN A 24 27.15 -18.31 -16.49
N SER A 25 26.41 -18.75 -15.47
CA SER A 25 26.10 -20.18 -15.36
C SER A 25 25.23 -20.36 -14.14
N LEU A 26 24.65 -21.55 -14.08
CA LEU A 26 23.90 -21.91 -12.86
C LEU A 26 24.71 -22.96 -12.09
N ASP A 27 25.82 -23.44 -12.65
CA ASP A 27 26.67 -24.41 -11.95
C ASP A 27 27.51 -23.67 -10.91
N PRO A 28 27.37 -23.94 -9.61
CA PRO A 28 28.06 -23.26 -8.55
C PRO A 28 29.56 -23.35 -8.64
N HIS A 29 30.20 -24.25 -9.35
CA HIS A 29 31.65 -24.26 -9.51
C HIS A 29 32.16 -23.41 -10.67
N LYS A 30 31.19 -22.80 -11.42
CA LYS A 30 31.65 -22.05 -12.60
C LYS A 30 31.34 -20.58 -12.45
N ILE A 31 30.85 -20.12 -11.30
CA ILE A 31 30.42 -18.73 -11.16
C ILE A 31 31.34 -17.86 -10.27
N GLU A 32 31.30 -16.54 -10.49
CA GLU A 32 32.10 -15.65 -9.60
C GLU A 32 31.48 -14.32 -9.29
N GLY A 33 30.33 -13.94 -9.90
CA GLY A 33 29.74 -12.64 -9.60
C GLY A 33 28.57 -12.58 -8.64
N VAL A 34 28.16 -11.32 -8.47
CA VAL A 34 26.98 -11.00 -7.68
C VAL A 34 25.70 -11.50 -8.37
N PRO A 35 25.53 -11.34 -9.66
CA PRO A 35 24.30 -11.84 -10.31
C PRO A 35 24.19 -13.36 -10.12
N GLU A 36 25.24 -14.09 -10.45
CA GLU A 36 25.38 -15.52 -10.33
C GLU A 36 25.06 -15.99 -8.90
N SER A 37 25.62 -15.32 -7.90
CA SER A 37 25.38 -15.67 -6.51
C SER A 37 23.95 -15.42 -6.04
N ASN A 38 23.30 -14.37 -6.46
CA ASN A 38 21.91 -14.06 -6.11
C ASN A 38 20.99 -15.26 -6.41
N VAL A 39 20.99 -15.76 -7.62
CA VAL A 39 20.24 -16.93 -8.00
C VAL A 39 20.74 -18.22 -7.32
N SER A 40 22.05 -18.49 -7.25
CA SER A 40 22.62 -19.65 -6.58
C SER A 40 22.08 -19.89 -5.17
N ARG A 41 21.98 -18.90 -4.33
CA ARG A 41 21.54 -18.95 -2.95
C ARG A 41 20.08 -19.48 -2.82
N ASP A 42 19.26 -19.25 -3.84
CA ASP A 42 17.89 -19.72 -3.85
C ASP A 42 17.81 -21.19 -4.28
N LEU A 43 18.74 -21.61 -5.12
CA LEU A 43 18.82 -22.95 -5.61
C LEU A 43 19.68 -23.92 -4.81
N PHE A 44 20.87 -23.56 -4.37
CA PHE A 44 21.77 -24.54 -3.69
C PHE A 44 22.11 -24.10 -2.29
N GLU A 45 22.12 -25.04 -1.32
CA GLU A 45 22.36 -24.68 0.06
C GLU A 45 23.58 -25.45 0.56
N GLY A 46 24.57 -24.74 1.14
CA GLY A 46 25.73 -25.45 1.66
C GLY A 46 25.59 -25.72 3.16
N LEU A 47 26.71 -25.97 3.80
CA LEU A 47 26.77 -26.20 5.25
C LEU A 47 26.12 -25.11 6.04
N LEU A 48 26.61 -23.86 5.91
CA LEU A 48 26.03 -22.75 6.68
C LEU A 48 25.38 -21.76 5.73
N ILE A 49 24.46 -20.93 6.20
CA ILE A 49 23.76 -19.92 5.38
C ILE A 49 23.79 -18.64 6.22
N SER A 50 23.47 -17.48 5.65
CA SER A 50 23.47 -16.26 6.45
C SER A 50 22.07 -15.98 6.99
N ASP A 51 21.92 -15.53 8.24
CA ASP A 51 20.55 -15.19 8.68
C ASP A 51 20.10 -13.91 7.96
N VAL A 52 19.19 -13.16 8.55
CA VAL A 52 18.62 -11.95 7.98
C VAL A 52 19.47 -10.74 8.35
N GLU A 53 20.36 -10.95 9.32
CA GLU A 53 21.31 -9.97 9.79
C GLU A 53 22.74 -10.21 9.31
N GLY A 54 22.92 -11.10 8.33
CA GLY A 54 24.19 -11.47 7.77
C GLY A 54 25.06 -12.37 8.61
N HIS A 55 24.64 -12.83 9.81
CA HIS A 55 25.54 -13.71 10.55
C HIS A 55 25.39 -15.17 10.14
N PRO A 56 26.51 -15.89 10.20
CA PRO A 56 26.56 -17.30 9.82
C PRO A 56 25.60 -18.15 10.67
N SER A 57 24.88 -19.04 9.98
CA SER A 57 23.94 -19.88 10.72
C SER A 57 23.70 -21.20 10.03
N PRO A 58 23.35 -22.21 10.84
CA PRO A 58 23.07 -23.54 10.40
C PRO A 58 22.38 -23.59 9.06
N GLY A 59 22.90 -24.34 8.12
CA GLY A 59 22.23 -24.50 6.81
C GLY A 59 21.95 -25.99 6.70
N VAL A 60 22.71 -26.74 5.91
CA VAL A 60 22.50 -28.20 5.85
C VAL A 60 23.08 -28.80 7.14
N ALA A 61 24.09 -28.16 7.72
CA ALA A 61 24.68 -28.59 9.00
C ALA A 61 23.94 -27.91 10.15
N GLU A 62 23.49 -28.74 11.11
CA GLU A 62 22.68 -28.17 12.21
C GLU A 62 23.56 -27.64 13.31
N LYS A 63 24.75 -28.21 13.42
CA LYS A 63 25.72 -27.72 14.40
C LYS A 63 27.10 -28.16 13.94
N TRP A 64 28.16 -27.57 14.48
CA TRP A 64 29.49 -27.93 13.99
C TRP A 64 30.51 -27.73 15.11
N GLU A 65 31.73 -28.24 15.01
CA GLU A 65 32.69 -28.01 16.08
C GLU A 65 34.09 -28.15 15.50
N ASN A 66 35.10 -27.75 16.25
CA ASN A 66 36.47 -27.84 15.81
C ASN A 66 37.39 -28.25 16.95
N LYS A 67 38.55 -28.76 16.58
CA LYS A 67 39.62 -29.08 17.51
C LYS A 67 40.84 -28.30 17.00
N ASP A 68 41.28 -27.32 17.74
CA ASP A 68 42.46 -26.52 17.48
C ASP A 68 42.26 -25.58 16.28
N PHE A 69 41.01 -25.31 15.91
CA PHE A 69 40.69 -24.57 14.69
C PHE A 69 41.25 -25.26 13.45
N LYS A 70 41.59 -26.53 13.47
CA LYS A 70 42.20 -27.26 12.39
C LYS A 70 41.38 -28.45 11.89
N VAL A 71 40.53 -29.05 12.71
CA VAL A 71 39.69 -30.18 12.27
C VAL A 71 38.27 -29.71 12.49
N TRP A 72 37.42 -29.59 11.49
CA TRP A 72 36.08 -29.01 11.62
C TRP A 72 35.09 -30.13 11.34
N THR A 73 34.13 -30.32 12.23
CA THR A 73 33.19 -31.42 12.10
C THR A 73 31.78 -30.88 11.97
N PHE A 74 31.12 -31.21 10.86
CA PHE A 74 29.78 -30.72 10.62
C PHE A 74 28.74 -31.81 10.85
N HIS A 75 27.75 -31.49 11.71
CA HIS A 75 26.67 -32.47 11.92
C HIS A 75 25.54 -32.04 10.98
N LEU A 76 25.30 -32.85 9.96
CA LEU A 76 24.25 -32.54 9.01
C LEU A 76 22.89 -32.96 9.57
N ARG A 77 21.82 -32.32 9.14
CA ARG A 77 20.47 -32.68 9.55
C ARG A 77 19.89 -33.80 8.69
N GLU A 78 19.23 -34.75 9.36
CA GLU A 78 18.61 -35.92 8.78
C GLU A 78 17.54 -35.64 7.74
N ASN A 79 16.77 -34.57 7.84
CA ASN A 79 15.78 -34.24 6.83
C ASN A 79 16.29 -33.47 5.62
N ALA A 80 17.59 -33.30 5.41
CA ALA A 80 18.06 -32.55 4.25
C ALA A 80 17.88 -33.35 2.97
N LYS A 81 17.19 -32.83 1.95
CA LYS A 81 17.03 -33.54 0.71
C LYS A 81 17.19 -32.61 -0.50
N TRP A 82 17.31 -33.26 -1.63
CA TRP A 82 17.34 -32.72 -2.95
C TRP A 82 15.91 -32.59 -3.48
N SER A 83 15.78 -31.85 -4.59
CA SER A 83 14.52 -31.57 -5.23
C SER A 83 13.90 -32.82 -5.85
N ASP A 84 14.61 -33.93 -5.99
CA ASP A 84 14.00 -35.14 -6.54
C ASP A 84 13.61 -36.12 -5.44
N GLY A 85 13.76 -35.76 -4.17
CA GLY A 85 13.42 -36.64 -3.08
C GLY A 85 14.60 -37.35 -2.46
N THR A 86 15.71 -37.46 -3.20
CA THR A 86 16.87 -38.13 -2.59
C THR A 86 17.40 -37.26 -1.45
N PRO A 87 18.15 -37.86 -0.54
CA PRO A 87 18.72 -37.18 0.59
C PRO A 87 20.04 -36.47 0.31
N VAL A 88 20.26 -35.45 1.15
CA VAL A 88 21.54 -34.76 1.14
C VAL A 88 22.40 -35.38 2.24
N THR A 89 23.55 -35.89 1.90
CA THR A 89 24.49 -36.54 2.79
C THR A 89 25.88 -35.95 2.68
N ALA A 90 26.74 -36.25 3.65
CA ALA A 90 28.11 -35.86 3.66
C ALA A 90 28.90 -36.34 2.44
N HIS A 91 28.47 -37.36 1.72
CA HIS A 91 29.12 -37.82 0.51
C HIS A 91 28.96 -36.83 -0.65
N ASP A 92 27.84 -36.11 -0.66
CA ASP A 92 27.63 -35.04 -1.64
C ASP A 92 28.68 -33.93 -1.44
N PHE A 93 28.98 -33.57 -0.18
CA PHE A 93 29.98 -32.54 0.06
C PHE A 93 31.38 -33.02 -0.27
N VAL A 94 31.75 -34.26 0.07
CA VAL A 94 33.07 -34.77 -0.30
C VAL A 94 33.25 -34.67 -1.79
N TYR A 95 32.33 -35.19 -2.61
CA TYR A 95 32.32 -35.10 -4.08
C TYR A 95 32.27 -33.63 -4.57
N SER A 96 31.45 -32.77 -3.94
CA SER A 96 31.46 -31.40 -4.55
C SER A 96 32.77 -30.64 -4.34
N TRP A 97 33.36 -30.73 -3.14
CA TRP A 97 34.61 -29.99 -2.90
C TRP A 97 35.73 -30.54 -3.72
N GLN A 98 35.72 -31.87 -3.99
CA GLN A 98 36.71 -32.48 -4.84
C GLN A 98 36.56 -31.97 -6.27
N ARG A 99 35.35 -31.90 -6.78
CA ARG A 99 35.18 -31.37 -8.16
C ARG A 99 35.59 -29.89 -8.20
N LEU A 100 35.28 -29.10 -7.15
CA LEU A 100 35.76 -27.68 -7.17
C LEU A 100 37.26 -27.59 -7.27
N ALA A 101 38.01 -28.42 -6.52
CA ALA A 101 39.47 -28.40 -6.51
C ALA A 101 40.15 -28.93 -7.75
N ASP A 102 39.43 -29.80 -8.44
CA ASP A 102 40.02 -30.45 -9.65
C ASP A 102 40.30 -29.45 -10.73
N PRO A 103 41.51 -29.38 -11.23
CA PRO A 103 41.91 -28.50 -12.29
C PRO A 103 41.10 -28.68 -13.57
N ASN A 104 40.53 -29.87 -13.81
CA ASN A 104 39.70 -30.01 -15.03
C ASN A 104 38.39 -29.27 -14.95
N THR A 105 37.91 -28.95 -13.75
CA THR A 105 36.71 -28.11 -13.63
C THR A 105 37.03 -26.67 -14.01
N ALA A 106 38.24 -26.21 -13.88
CA ALA A 106 38.71 -24.85 -14.12
C ALA A 106 37.80 -23.79 -13.48
N SER A 107 37.44 -23.94 -12.22
CA SER A 107 36.61 -22.94 -11.52
C SER A 107 37.33 -21.63 -11.30
N PRO A 108 36.74 -20.45 -11.46
CA PRO A 108 37.42 -19.20 -11.12
C PRO A 108 37.56 -19.13 -9.62
N TYR A 109 36.87 -19.97 -8.84
CA TYR A 109 36.98 -19.97 -7.38
C TYR A 109 37.64 -21.25 -6.88
N ALA A 110 38.46 -21.90 -7.74
CA ALA A 110 39.21 -23.09 -7.20
C ALA A 110 40.06 -22.68 -6.00
N SER A 111 40.67 -21.52 -5.98
CA SER A 111 41.47 -21.02 -4.82
C SER A 111 40.65 -20.78 -3.58
N TYR A 112 39.30 -20.81 -3.58
CA TYR A 112 38.52 -20.64 -2.35
C TYR A 112 38.96 -21.73 -1.34
N LEU A 113 39.27 -22.93 -1.79
CA LEU A 113 39.75 -24.02 -0.93
C LEU A 113 41.17 -23.76 -0.45
N GLN A 114 41.96 -22.98 -1.18
CA GLN A 114 43.28 -22.54 -0.63
C GLN A 114 43.05 -21.49 0.48
N TYR A 115 42.06 -20.60 0.31
CA TYR A 115 41.72 -19.60 1.33
C TYR A 115 41.21 -20.27 2.63
N GLY A 116 40.52 -21.41 2.53
CA GLY A 116 40.17 -22.13 3.82
C GLY A 116 41.37 -23.02 4.23
N HIS A 117 42.47 -23.15 3.46
CA HIS A 117 43.62 -23.98 3.75
C HIS A 117 43.35 -25.46 3.99
N ILE A 118 42.54 -26.07 3.15
CA ILE A 118 42.25 -27.50 3.26
C ILE A 118 43.48 -28.33 2.88
N ALA A 119 43.78 -29.39 3.69
CA ALA A 119 44.94 -30.22 3.44
C ALA A 119 45.07 -30.69 2.01
N ASN A 120 46.25 -30.57 1.45
CA ASN A 120 46.68 -30.98 0.14
C ASN A 120 46.13 -30.16 -1.02
N ILE A 121 45.48 -29.02 -0.74
CA ILE A 121 44.90 -28.26 -1.86
C ILE A 121 45.95 -27.72 -2.81
N ASP A 122 47.11 -27.30 -2.32
CA ASP A 122 48.10 -26.71 -3.22
C ASP A 122 48.61 -27.73 -4.23
N ASP A 123 48.81 -28.97 -3.77
CA ASP A 123 49.32 -30.01 -4.68
C ASP A 123 48.24 -30.44 -5.65
N ILE A 124 46.99 -30.38 -5.23
CA ILE A 124 45.90 -30.78 -6.15
C ILE A 124 45.76 -29.74 -7.25
N ILE A 125 45.73 -28.46 -6.88
CA ILE A 125 45.66 -27.39 -7.89
C ILE A 125 46.86 -27.49 -8.85
N ALA A 126 48.08 -27.73 -8.36
CA ALA A 126 49.19 -27.90 -9.29
C ALA A 126 49.24 -29.24 -10.03
N GLY A 127 48.32 -30.16 -9.90
CA GLY A 127 48.28 -31.43 -10.61
C GLY A 127 49.28 -32.47 -10.10
N LYS A 128 49.81 -32.34 -8.90
CA LYS A 128 50.78 -33.26 -8.33
C LYS A 128 50.12 -34.40 -7.57
N LYS A 129 48.89 -34.17 -7.15
CA LYS A 129 48.09 -35.13 -6.41
C LYS A 129 46.67 -34.96 -6.96
N PRO A 130 45.91 -36.03 -6.90
CA PRO A 130 44.55 -36.07 -7.41
C PRO A 130 43.59 -35.49 -6.40
N ALA A 131 42.41 -35.06 -6.82
CA ALA A 131 41.42 -34.42 -5.95
C ALA A 131 40.84 -35.28 -4.87
N THR A 132 40.90 -36.62 -5.05
CA THR A 132 40.51 -37.56 -4.00
C THR A 132 41.44 -37.50 -2.80
N ASP A 133 42.63 -36.93 -2.85
CA ASP A 133 43.43 -36.70 -1.66
C ASP A 133 43.06 -35.43 -0.86
N LEU A 134 42.09 -34.66 -1.29
CA LEU A 134 41.71 -33.46 -0.53
C LEU A 134 41.39 -33.83 0.90
N GLY A 135 41.72 -33.01 1.90
CA GLY A 135 41.45 -33.24 3.31
C GLY A 135 40.03 -33.20 3.77
N VAL A 136 39.06 -33.83 3.09
CA VAL A 136 37.67 -33.85 3.47
C VAL A 136 37.23 -35.33 3.60
N LYS A 137 36.27 -35.52 4.54
CA LYS A 137 35.77 -36.91 4.61
C LYS A 137 34.39 -37.03 5.21
N ALA A 138 33.69 -38.05 4.69
CA ALA A 138 32.38 -38.40 5.22
C ALA A 138 32.61 -39.46 6.31
N LEU A 139 32.44 -39.10 7.57
CA LEU A 139 32.67 -40.07 8.65
C LEU A 139 31.46 -41.02 8.62
N ASP A 140 30.28 -40.44 8.41
CA ASP A 140 29.05 -41.18 8.17
C ASP A 140 28.17 -40.34 7.24
N ASP A 141 26.93 -40.76 7.02
CA ASP A 141 26.03 -40.12 6.10
C ASP A 141 25.78 -38.65 6.44
N HIS A 142 25.74 -38.38 7.74
CA HIS A 142 25.44 -37.08 8.27
C HIS A 142 26.62 -36.44 8.95
N THR A 143 27.83 -36.92 8.73
CA THR A 143 28.98 -36.31 9.41
C THR A 143 30.07 -36.05 8.38
N PHE A 144 30.35 -34.75 8.24
CA PHE A 144 31.34 -34.27 7.26
C PHE A 144 32.51 -33.66 8.01
N GLU A 145 33.71 -34.18 7.84
CA GLU A 145 34.87 -33.73 8.56
C GLU A 145 35.87 -33.03 7.67
N VAL A 146 36.38 -31.86 8.10
CA VAL A 146 37.38 -31.16 7.31
C VAL A 146 38.72 -30.92 7.97
N THR A 147 39.83 -31.37 7.36
CA THR A 147 41.16 -31.15 7.90
C THR A 147 41.92 -30.01 7.21
N LEU A 148 42.29 -28.96 7.94
CA LEU A 148 43.07 -27.84 7.44
C LEU A 148 44.55 -28.05 7.72
N SER A 149 45.49 -27.57 6.92
CA SER A 149 46.90 -27.66 7.20
C SER A 149 47.37 -26.57 8.16
N GLU A 150 46.55 -25.59 8.50
CA GLU A 150 46.93 -24.51 9.40
C GLU A 150 45.66 -24.13 10.15
N PRO A 151 45.79 -23.55 11.33
CA PRO A 151 44.65 -23.14 12.12
C PRO A 151 43.94 -21.96 11.46
N VAL A 152 42.65 -22.03 11.21
CA VAL A 152 41.87 -20.98 10.56
C VAL A 152 40.62 -20.72 11.40
N PRO A 153 40.68 -19.75 12.34
CA PRO A 153 39.62 -19.48 13.27
C PRO A 153 38.33 -19.04 12.63
N TYR A 154 38.43 -18.35 11.48
CA TYR A 154 37.28 -17.90 10.75
C TYR A 154 36.87 -18.86 9.66
N PHE A 155 37.38 -20.07 9.54
CA PHE A 155 36.98 -21.09 8.59
C PHE A 155 35.48 -21.17 8.41
N TYR A 156 34.66 -21.24 9.49
CA TYR A 156 33.23 -21.35 9.32
C TYR A 156 32.59 -20.16 8.61
N LYS A 157 33.13 -18.97 8.69
CA LYS A 157 32.52 -17.85 7.91
C LYS A 157 32.64 -18.01 6.40
N LEU A 158 33.59 -18.76 5.84
CA LEU A 158 33.67 -18.97 4.37
C LEU A 158 32.57 -19.82 3.76
N LEU A 159 31.95 -20.67 4.62
CA LEU A 159 30.97 -21.64 4.17
C LEU A 159 29.63 -21.20 3.65
N VAL A 160 29.25 -19.93 3.78
CA VAL A 160 28.02 -19.47 3.15
C VAL A 160 28.25 -19.16 1.67
N HIS A 161 29.47 -19.24 1.15
CA HIS A 161 29.67 -18.90 -0.27
C HIS A 161 29.19 -19.99 -1.17
N PRO A 162 28.59 -19.63 -2.31
CA PRO A 162 28.04 -20.56 -3.27
C PRO A 162 29.03 -21.55 -3.87
N SER A 163 30.35 -21.32 -3.99
CA SER A 163 31.28 -22.27 -4.53
C SER A 163 31.46 -23.51 -3.66
N VAL A 164 31.11 -23.40 -2.37
CA VAL A 164 31.18 -24.62 -1.52
C VAL A 164 29.79 -25.22 -1.29
N SER A 165 28.84 -24.87 -2.15
CA SER A 165 27.51 -25.50 -2.14
C SER A 165 27.65 -26.86 -2.79
N PRO A 166 26.77 -27.80 -2.48
CA PRO A 166 26.87 -29.12 -3.04
C PRO A 166 26.31 -29.13 -4.44
N VAL A 167 26.76 -30.01 -5.32
CA VAL A 167 26.07 -30.23 -6.57
C VAL A 167 25.68 -31.74 -6.58
N PRO A 168 24.69 -32.12 -7.37
CA PRO A 168 24.20 -33.50 -7.42
C PRO A 168 25.00 -34.43 -8.29
N LYS A 169 25.82 -35.34 -7.78
CA LYS A 169 26.68 -36.19 -8.62
C LYS A 169 25.94 -36.97 -9.70
N SER A 170 24.70 -37.41 -9.52
CA SER A 170 24.03 -38.13 -10.62
C SER A 170 23.78 -37.26 -11.84
N ALA A 171 23.33 -36.01 -11.63
CA ALA A 171 23.07 -35.18 -12.81
C ALA A 171 24.36 -34.74 -13.49
N VAL A 172 25.32 -34.21 -12.73
CA VAL A 172 26.56 -33.78 -13.36
C VAL A 172 27.13 -34.91 -14.21
N GLU A 173 27.25 -36.12 -13.65
CA GLU A 173 27.87 -37.20 -14.43
C GLU A 173 27.05 -37.64 -15.63
N LYS A 174 25.74 -37.54 -15.57
CA LYS A 174 24.88 -37.97 -16.66
C LYS A 174 24.71 -36.93 -17.76
N PHE A 175 24.62 -35.66 -17.44
CA PHE A 175 24.33 -34.62 -18.42
C PHE A 175 25.49 -33.67 -18.63
N GLY A 176 26.57 -33.83 -17.86
CA GLY A 176 27.74 -32.98 -18.01
C GLY A 176 27.34 -31.51 -18.03
N ASP A 177 27.77 -30.77 -19.03
CA ASP A 177 27.42 -29.36 -19.15
C ASP A 177 25.93 -29.05 -19.24
N LYS A 178 25.09 -30.01 -19.60
CA LYS A 178 23.66 -29.82 -19.71
C LYS A 178 22.96 -30.13 -18.40
N TRP A 179 23.72 -30.42 -17.33
CA TRP A 179 23.09 -30.68 -16.04
C TRP A 179 22.26 -29.51 -15.54
N THR A 180 22.61 -28.27 -15.86
CA THR A 180 21.85 -27.15 -15.35
C THR A 180 20.58 -26.79 -16.12
N GLN A 181 20.37 -27.38 -17.29
CA GLN A 181 19.08 -27.09 -18.00
C GLN A 181 17.95 -27.50 -17.09
N PRO A 182 16.80 -26.84 -17.13
CA PRO A 182 15.66 -27.09 -16.28
C PRO A 182 15.10 -28.52 -16.37
N ALA A 183 15.37 -29.22 -17.45
CA ALA A 183 14.98 -30.60 -17.63
C ALA A 183 15.81 -31.55 -16.75
N ASN A 184 17.10 -31.23 -16.56
CA ASN A 184 17.97 -32.11 -15.79
C ASN A 184 18.42 -31.69 -14.40
N ILE A 185 18.08 -30.49 -13.95
CA ILE A 185 18.64 -29.95 -12.72
C ILE A 185 17.99 -30.43 -11.45
N VAL A 186 18.84 -30.70 -10.45
CA VAL A 186 18.43 -31.14 -9.14
C VAL A 186 19.01 -30.15 -8.13
N THR A 187 18.20 -29.55 -7.26
CA THR A 187 18.66 -28.52 -6.32
C THR A 187 18.33 -28.84 -4.88
N ASN A 188 18.88 -28.20 -3.85
CA ASN A 188 18.62 -28.54 -2.45
C ASN A 188 18.24 -27.33 -1.65
N GLY A 189 18.10 -26.20 -2.37
CA GLY A 189 17.71 -24.95 -1.71
C GLY A 189 16.19 -24.82 -1.71
N ALA A 190 15.71 -23.70 -1.19
CA ALA A 190 14.26 -23.46 -1.13
C ALA A 190 13.57 -23.40 -2.46
N TYR A 191 14.24 -23.30 -3.61
CA TYR A 191 13.63 -23.15 -4.89
C TYR A 191 14.25 -24.14 -5.87
N LYS A 192 13.56 -24.35 -6.99
CA LYS A 192 14.09 -25.23 -8.02
C LYS A 192 13.90 -24.43 -9.30
N LEU A 193 14.50 -24.82 -10.39
CA LEU A 193 14.46 -24.09 -11.64
C LEU A 193 13.22 -24.44 -12.50
N LYS A 194 12.36 -23.48 -12.77
CA LYS A 194 11.19 -23.69 -13.62
C LYS A 194 11.48 -23.38 -15.06
N ASN A 195 11.96 -22.19 -15.43
CA ASN A 195 12.35 -21.82 -16.76
C ASN A 195 13.61 -20.94 -16.77
N TRP A 196 14.36 -21.05 -17.86
CA TRP A 196 15.49 -20.15 -18.09
C TRP A 196 15.49 -19.75 -19.56
N VAL A 197 15.11 -18.50 -19.83
CA VAL A 197 15.13 -17.98 -21.20
C VAL A 197 16.36 -17.03 -21.31
N VAL A 198 17.35 -17.39 -22.07
CA VAL A 198 18.57 -16.62 -22.21
C VAL A 198 18.26 -15.19 -22.58
N ASN A 199 18.71 -14.24 -21.76
CA ASN A 199 18.52 -12.82 -22.00
C ASN A 199 17.11 -12.33 -21.72
N GLU A 200 16.25 -13.20 -21.19
CA GLU A 200 14.87 -12.75 -20.93
C GLU A 200 14.49 -12.90 -19.48
N ARG A 201 14.56 -14.17 -18.99
CA ARG A 201 14.15 -14.42 -17.62
C ARG A 201 14.66 -15.77 -17.11
N ILE A 202 14.69 -15.92 -15.82
CA ILE A 202 15.00 -17.14 -15.09
C ILE A 202 13.83 -17.21 -14.11
N VAL A 203 13.04 -18.28 -14.18
CA VAL A 203 11.89 -18.34 -13.25
C VAL A 203 12.12 -19.47 -12.24
N LEU A 204 11.87 -19.27 -10.98
CA LEU A 204 12.05 -20.32 -9.98
C LEU A 204 10.76 -20.64 -9.20
N GLU A 205 10.55 -21.92 -8.85
CA GLU A 205 9.36 -22.23 -8.04
C GLU A 205 9.71 -22.95 -6.74
N ARG A 206 8.94 -22.72 -5.69
CA ARG A 206 9.07 -23.34 -4.39
C ARG A 206 9.46 -24.81 -4.47
N ASN A 207 10.39 -25.23 -3.60
CA ASN A 207 10.87 -26.60 -3.57
C ASN A 207 10.22 -27.30 -2.38
N PRO A 208 9.27 -28.19 -2.68
CA PRO A 208 8.56 -28.97 -1.69
C PRO A 208 9.44 -29.79 -0.77
N GLN A 209 10.56 -30.27 -1.29
CA GLN A 209 11.50 -31.08 -0.54
C GLN A 209 12.48 -30.29 0.32
N TYR A 210 12.50 -28.97 0.25
CA TYR A 210 13.46 -28.22 1.07
C TYR A 210 13.06 -28.49 2.50
N TRP A 211 14.01 -28.73 3.38
CA TRP A 211 13.83 -29.07 4.77
C TRP A 211 13.09 -28.00 5.57
N ASP A 212 13.13 -26.75 5.09
CA ASP A 212 12.53 -25.65 5.83
C ASP A 212 11.41 -25.10 4.96
N ASN A 213 10.87 -25.88 4.04
CA ASN A 213 9.73 -25.45 3.24
C ASN A 213 8.59 -24.87 4.08
N ALA A 214 8.33 -25.33 5.30
CA ALA A 214 7.17 -24.78 6.02
C ALA A 214 7.23 -23.25 6.10
N LYS A 215 8.40 -22.68 6.35
CA LYS A 215 8.54 -21.24 6.49
C LYS A 215 8.73 -20.44 5.23
N THR A 216 8.86 -21.06 4.08
CA THR A 216 8.97 -20.33 2.82
C THR A 216 7.62 -19.71 2.51
N VAL A 217 7.57 -18.45 2.12
CA VAL A 217 6.34 -17.79 1.72
C VAL A 217 6.21 -17.63 0.21
N ILE A 218 7.18 -17.08 -0.52
CA ILE A 218 7.07 -16.88 -1.96
C ILE A 218 7.08 -18.22 -2.68
N ASN A 219 6.22 -18.31 -3.71
CA ASN A 219 6.06 -19.53 -4.46
C ASN A 219 6.72 -19.43 -5.83
N GLN A 220 6.83 -18.22 -6.35
CA GLN A 220 7.48 -18.02 -7.64
C GLN A 220 8.34 -16.76 -7.61
N VAL A 221 9.59 -16.87 -8.04
CA VAL A 221 10.47 -15.69 -8.10
C VAL A 221 11.04 -15.66 -9.51
N THR A 222 10.99 -14.49 -10.15
CA THR A 222 11.50 -14.26 -11.50
C THR A 222 12.76 -13.37 -11.43
N TYR A 223 13.82 -13.80 -12.11
CA TYR A 223 15.07 -13.05 -12.09
C TYR A 223 15.24 -12.46 -13.49
N LEU A 224 15.28 -11.13 -13.56
CA LEU A 224 15.52 -10.46 -14.84
C LEU A 224 16.99 -10.07 -14.99
N PRO A 225 17.50 -10.01 -16.20
CA PRO A 225 18.87 -9.67 -16.54
C PRO A 225 19.03 -8.31 -17.24
N ILE A 226 18.52 -7.24 -16.71
CA ILE A 226 18.57 -5.93 -17.39
C ILE A 226 19.78 -5.13 -16.89
N SER A 227 20.75 -4.88 -17.74
CA SER A 227 22.00 -4.19 -17.38
C SER A 227 21.87 -2.67 -17.39
N SER A 228 20.91 -2.17 -18.16
CA SER A 228 20.57 -0.75 -18.12
C SER A 228 19.89 -0.39 -16.82
N GLU A 229 20.50 0.44 -15.99
CA GLU A 229 19.95 0.90 -14.74
C GLU A 229 18.75 1.85 -14.96
N VAL A 230 18.66 2.50 -16.11
CA VAL A 230 17.52 3.40 -16.37
C VAL A 230 16.33 2.52 -16.72
N THR A 231 16.43 1.64 -17.70
CA THR A 231 15.38 0.68 -18.00
C THR A 231 14.86 -0.07 -16.78
N ASP A 232 15.71 -0.43 -15.82
CA ASP A 232 15.31 -1.19 -14.65
C ASP A 232 14.43 -0.33 -13.76
N VAL A 233 14.92 0.88 -13.47
CA VAL A 233 14.18 1.82 -12.63
C VAL A 233 12.83 2.24 -13.24
N ASN A 234 12.70 2.24 -14.56
CA ASN A 234 11.52 2.62 -15.29
C ASN A 234 10.57 1.44 -15.52
N ARG A 235 11.01 0.27 -15.08
CA ARG A 235 10.18 -0.93 -15.21
C ARG A 235 9.71 -1.21 -13.80
N TYR A 236 10.36 -0.55 -12.84
CA TYR A 236 9.98 -0.63 -11.44
C TYR A 236 8.98 0.51 -11.22
N ARG A 237 9.40 1.76 -11.41
CA ARG A 237 8.46 2.88 -11.22
C ARG A 237 7.12 2.55 -11.85
N SER A 238 7.09 2.08 -13.09
CA SER A 238 5.88 1.74 -13.80
C SER A 238 5.28 0.39 -13.45
N GLY A 239 5.42 -0.12 -12.24
CA GLY A 239 4.91 -1.35 -11.74
C GLY A 239 5.45 -2.73 -12.00
N GLU A 240 6.02 -3.05 -13.15
CA GLU A 240 6.50 -4.37 -13.49
C GLU A 240 7.67 -5.02 -12.76
N ILE A 241 8.38 -4.40 -11.83
CA ILE A 241 9.50 -5.03 -11.11
C ILE A 241 9.32 -4.72 -9.64
N ASP A 242 9.64 -5.57 -8.69
CA ASP A 242 9.48 -5.30 -7.27
C ASP A 242 10.75 -4.91 -6.52
N MET A 243 11.90 -5.48 -6.93
CA MET A 243 13.16 -5.14 -6.26
C MET A 243 14.16 -4.83 -7.36
N THR A 244 14.67 -3.58 -7.40
CA THR A 244 15.63 -3.38 -8.52
C THR A 244 16.92 -4.14 -8.18
N TYR A 245 17.76 -4.21 -9.20
CA TYR A 245 19.17 -4.63 -8.98
C TYR A 245 19.79 -3.48 -8.21
N ASN A 246 20.91 -3.67 -7.53
CA ASN A 246 21.54 -2.67 -6.72
C ASN A 246 22.71 -1.95 -7.39
N ASN A 247 22.44 -1.25 -8.47
CA ASN A 247 23.23 -0.31 -9.22
C ASN A 247 22.27 0.83 -9.67
N MET A 248 22.28 2.00 -9.07
CA MET A 248 21.36 3.09 -9.42
C MET A 248 21.96 4.05 -10.44
N PRO A 249 21.19 4.41 -11.47
CA PRO A 249 21.60 5.31 -12.52
C PRO A 249 21.86 6.69 -11.97
N ILE A 250 22.75 7.44 -12.60
CA ILE A 250 23.05 8.77 -12.04
C ILE A 250 21.93 9.74 -12.39
N GLU A 251 21.39 9.59 -13.59
CA GLU A 251 20.31 10.32 -14.21
C GLU A 251 19.07 10.55 -13.34
N LEU A 252 18.52 9.50 -12.71
CA LEU A 252 17.34 9.72 -11.89
C LEU A 252 17.46 9.42 -10.41
N PHE A 253 18.66 9.21 -9.87
CA PHE A 253 18.73 8.96 -8.43
C PHE A 253 18.15 10.18 -7.72
N GLN A 254 18.70 11.36 -7.93
CA GLN A 254 18.20 12.62 -7.39
C GLN A 254 16.68 12.68 -7.22
N LYS A 255 15.96 12.64 -8.34
CA LYS A 255 14.51 12.80 -8.31
C LYS A 255 13.78 11.76 -7.44
N LEU A 256 14.04 10.47 -7.59
CA LEU A 256 13.39 9.44 -6.82
C LEU A 256 13.59 9.43 -5.31
N LYS A 257 14.53 10.12 -4.69
CA LYS A 257 14.73 10.08 -3.25
C LYS A 257 13.86 11.05 -2.46
N LYS A 258 12.84 11.57 -3.10
CA LYS A 258 11.87 12.51 -2.51
C LYS A 258 10.61 12.48 -3.36
N GLU A 259 10.72 11.77 -4.48
CA GLU A 259 9.56 11.49 -5.35
C GLU A 259 9.01 10.25 -4.63
N ILE A 260 9.88 9.29 -4.28
CA ILE A 260 9.55 8.11 -3.51
C ILE A 260 10.58 7.71 -2.46
N PRO A 261 10.79 8.51 -1.42
CA PRO A 261 11.74 8.29 -0.37
C PRO A 261 11.70 6.99 0.40
N ASN A 262 10.55 6.34 0.50
CA ASN A 262 10.40 5.11 1.25
C ASN A 262 10.72 3.87 0.44
N GLU A 263 10.85 4.04 -0.88
CA GLU A 263 11.23 2.92 -1.72
C GLU A 263 12.74 2.91 -1.98
N VAL A 264 13.47 3.93 -1.54
CA VAL A 264 14.90 4.02 -1.81
C VAL A 264 15.74 3.57 -0.61
N ARG A 265 16.22 2.33 -0.71
CA ARG A 265 17.06 1.75 0.36
C ARG A 265 18.55 1.97 0.08
N VAL A 266 19.22 2.59 1.05
CA VAL A 266 20.62 2.94 0.97
C VAL A 266 21.33 2.44 2.21
N ASP A 267 22.08 1.34 2.10
CA ASP A 267 22.78 0.79 3.26
C ASP A 267 24.26 0.49 3.00
N PRO A 268 25.01 0.28 4.07
CA PRO A 268 26.44 -0.03 3.99
C PRO A 268 26.65 -1.37 3.26
N TYR A 269 27.76 -1.47 2.50
CA TYR A 269 28.04 -2.62 1.65
C TYR A 269 29.55 -2.88 1.57
N LEU A 270 30.00 -4.11 1.78
CA LEU A 270 31.44 -4.39 1.77
C LEU A 270 31.99 -4.60 0.36
N CYS A 271 31.94 -3.59 -0.49
CA CYS A 271 32.44 -3.72 -1.86
C CYS A 271 33.29 -2.50 -2.17
N THR A 272 34.25 -2.62 -3.07
CA THR A 272 35.11 -1.49 -3.47
C THR A 272 35.04 -1.38 -4.98
N TYR A 273 34.87 -0.17 -5.54
CA TYR A 273 34.87 0.06 -6.99
C TYR A 273 36.28 0.54 -7.34
N TYR A 274 36.93 -0.01 -8.36
CA TYR A 274 38.29 0.34 -8.62
C TYR A 274 38.57 0.16 -10.10
N TYR A 275 39.69 0.71 -10.57
CA TYR A 275 40.09 0.47 -11.95
C TYR A 275 41.24 -0.55 -11.83
N GLU A 276 41.00 -1.74 -12.35
CA GLU A 276 42.04 -2.80 -12.30
C GLU A 276 43.05 -2.59 -13.39
N ILE A 277 44.33 -2.65 -13.14
CA ILE A 277 45.42 -2.50 -14.06
C ILE A 277 45.96 -3.90 -14.32
N ASN A 278 46.16 -4.24 -15.59
CA ASN A 278 46.77 -5.52 -15.93
C ASN A 278 48.24 -5.35 -15.61
N ASN A 279 48.74 -5.85 -14.46
CA ASN A 279 50.10 -5.54 -14.04
C ASN A 279 51.18 -6.19 -14.89
N GLN A 280 50.89 -7.12 -15.78
CA GLN A 280 51.97 -7.81 -16.53
C GLN A 280 52.16 -7.24 -17.93
N LYS A 281 51.23 -6.44 -18.41
CA LYS A 281 51.28 -5.87 -19.76
C LYS A 281 51.99 -4.53 -19.81
N ALA A 282 53.03 -4.39 -20.62
CA ALA A 282 53.76 -3.12 -20.78
C ALA A 282 52.82 -2.06 -21.29
N PRO A 283 52.88 -0.80 -20.94
CA PRO A 283 53.80 -0.21 -20.01
C PRO A 283 53.29 -0.18 -18.57
N PHE A 284 52.16 -0.82 -18.30
CA PHE A 284 51.57 -0.98 -16.96
C PHE A 284 52.32 -1.90 -16.01
N ASN A 285 53.39 -2.56 -16.44
CA ASN A 285 54.26 -3.34 -15.56
C ASN A 285 55.31 -2.39 -14.96
N ASP A 286 55.22 -1.09 -15.23
CA ASP A 286 56.16 -0.13 -14.61
C ASP A 286 55.41 0.55 -13.45
N VAL A 287 55.95 0.50 -12.25
CA VAL A 287 55.25 1.09 -11.13
C VAL A 287 54.95 2.58 -11.28
N ARG A 288 55.77 3.34 -12.02
CA ARG A 288 55.61 4.78 -12.15
C ARG A 288 54.35 5.15 -12.90
N VAL A 289 54.09 4.38 -13.97
CA VAL A 289 52.89 4.60 -14.78
C VAL A 289 51.64 4.27 -13.93
N ARG A 290 51.65 3.14 -13.22
CA ARG A 290 50.49 2.78 -12.38
C ARG A 290 50.23 3.85 -11.29
N THR A 291 51.33 4.30 -10.68
CA THR A 291 51.25 5.30 -9.61
C THR A 291 50.64 6.61 -10.12
N ALA A 292 51.07 7.02 -11.32
CA ALA A 292 50.52 8.25 -11.88
C ALA A 292 49.01 8.21 -12.11
N LEU A 293 48.51 7.09 -12.67
CA LEU A 293 47.08 6.94 -12.88
C LEU A 293 46.32 7.03 -11.56
N LYS A 294 46.89 6.42 -10.50
CA LYS A 294 46.20 6.34 -9.21
C LYS A 294 46.09 7.76 -8.62
N LEU A 295 47.20 8.49 -8.69
CA LEU A 295 47.26 9.84 -8.10
C LEU A 295 46.43 10.88 -8.85
N ALA A 296 46.35 10.78 -10.17
CA ALA A 296 45.68 11.78 -10.99
C ALA A 296 44.17 11.65 -11.02
N LEU A 297 43.62 10.53 -10.58
CA LEU A 297 42.16 10.36 -10.57
C LEU A 297 41.61 11.27 -9.44
N ASP A 298 40.62 12.09 -9.71
CA ASP A 298 40.09 12.98 -8.67
C ASP A 298 38.82 12.35 -8.07
N ARG A 299 39.02 11.70 -6.93
CA ARG A 299 37.96 10.89 -6.27
C ARG A 299 36.86 11.84 -5.78
N ASP A 300 37.26 13.06 -5.35
CA ASP A 300 36.23 14.00 -4.92
C ASP A 300 35.25 14.35 -6.01
N ILE A 301 35.68 14.58 -7.24
CA ILE A 301 34.77 14.83 -8.34
C ILE A 301 33.91 13.62 -8.71
N ILE A 302 34.54 12.44 -8.82
CA ILE A 302 33.79 11.26 -9.23
C ILE A 302 32.67 10.96 -8.23
N VAL A 303 33.07 10.84 -6.98
CA VAL A 303 32.20 10.45 -5.89
C VAL A 303 31.23 11.51 -5.37
N ASN A 304 31.73 12.69 -5.02
CA ASN A 304 30.89 13.73 -4.47
C ASN A 304 30.20 14.63 -5.49
N LYS A 305 30.53 14.63 -6.77
CA LYS A 305 30.01 15.52 -7.78
C LYS A 305 29.43 14.81 -9.00
N VAL A 306 30.00 13.70 -9.45
CA VAL A 306 29.44 13.04 -10.63
C VAL A 306 28.46 11.94 -10.20
N LYS A 307 28.79 11.14 -9.18
CA LYS A 307 27.91 10.06 -8.73
C LYS A 307 26.90 10.61 -7.73
N ASN A 308 27.43 11.13 -6.62
CA ASN A 308 26.63 11.68 -5.56
C ASN A 308 25.50 10.75 -5.13
N GLN A 309 25.83 9.67 -4.43
CA GLN A 309 24.90 8.67 -3.92
C GLN A 309 25.25 8.27 -2.49
N GLY A 310 26.35 8.79 -1.96
CA GLY A 310 26.79 8.49 -0.61
C GLY A 310 27.91 7.48 -0.48
N ASP A 311 28.62 7.21 -1.59
CA ASP A 311 29.79 6.31 -1.58
C ASP A 311 30.93 7.04 -0.93
N LEU A 312 31.95 6.42 -0.34
CA LEU A 312 33.08 7.08 0.26
C LEU A 312 34.36 6.92 -0.60
N PRO A 313 35.12 8.00 -0.77
CA PRO A 313 36.36 8.02 -1.54
C PRO A 313 37.29 6.95 -0.99
N ALA A 314 37.89 6.18 -1.91
CA ALA A 314 38.68 5.03 -1.43
C ALA A 314 40.18 5.20 -1.61
N TYR A 315 40.97 4.68 -0.70
CA TYR A 315 42.41 4.71 -0.70
C TYR A 315 43.02 3.30 -0.49
N SER A 316 42.14 2.31 -0.53
CA SER A 316 42.62 0.93 -0.33
C SER A 316 41.76 -0.10 -1.06
N TYR A 317 42.13 -1.40 -0.96
CA TYR A 317 41.24 -2.41 -1.59
C TYR A 317 40.20 -2.85 -0.57
N THR A 318 40.71 -3.37 0.57
CA THR A 318 39.79 -3.75 1.63
C THR A 318 39.07 -2.48 2.19
N PRO A 319 37.78 -2.54 2.25
CA PRO A 319 36.97 -1.45 2.87
C PRO A 319 37.38 -1.33 4.34
N PRO A 320 37.57 -0.12 4.83
CA PRO A 320 38.02 0.15 6.18
C PRO A 320 37.05 -0.27 7.26
N TYR A 321 35.79 -0.46 7.01
CA TYR A 321 34.80 -0.90 7.97
C TYR A 321 34.61 -2.42 7.91
N THR A 322 35.54 -3.13 7.18
CA THR A 322 35.44 -4.60 7.22
C THR A 322 35.80 -5.06 8.64
N ASP A 323 35.16 -6.11 9.13
CA ASP A 323 35.55 -6.68 10.44
C ASP A 323 36.99 -7.02 10.63
N GLY A 324 37.71 -6.45 11.58
CA GLY A 324 39.13 -6.78 11.77
C GLY A 324 40.07 -5.89 10.97
N ALA A 325 39.60 -4.94 10.17
CA ALA A 325 40.51 -4.08 9.44
C ALA A 325 40.92 -2.85 10.25
N LYS A 326 42.18 -2.52 10.37
CA LYS A 326 42.67 -1.29 10.98
C LYS A 326 43.62 -0.68 9.95
N LEU A 327 43.12 0.06 8.97
CA LEU A 327 44.03 0.52 7.90
C LEU A 327 44.61 1.90 8.13
N VAL A 328 45.79 2.13 7.62
CA VAL A 328 46.45 3.45 7.68
C VAL A 328 46.18 4.22 6.40
N GLU A 329 45.72 5.47 6.48
CA GLU A 329 45.46 6.29 5.29
C GLU A 329 46.82 6.63 4.74
N PRO A 330 47.11 6.43 3.44
CA PRO A 330 48.42 6.72 2.90
C PRO A 330 48.70 8.21 2.75
N GLU A 331 49.95 8.62 2.75
CA GLU A 331 50.39 10.01 2.58
C GLU A 331 49.79 10.74 1.38
N TRP A 332 49.67 10.04 0.24
CA TRP A 332 49.20 10.66 -0.97
C TRP A 332 47.76 11.05 -0.93
N PHE A 333 46.95 10.37 -0.12
CA PHE A 333 45.54 10.62 0.03
C PHE A 333 45.30 11.90 0.86
N LYS A 334 46.26 12.32 1.62
CA LYS A 334 46.14 13.51 2.48
C LYS A 334 46.52 14.77 1.76
N TRP A 335 47.27 14.63 0.65
CA TRP A 335 47.67 15.81 -0.12
C TRP A 335 46.49 16.47 -0.82
N SER A 336 46.69 17.62 -1.42
CA SER A 336 45.71 18.32 -2.23
C SER A 336 45.70 17.64 -3.60
N GLN A 337 44.65 17.78 -4.39
CA GLN A 337 44.61 17.17 -5.69
C GLN A 337 45.69 17.76 -6.59
N GLN A 338 45.93 19.09 -6.46
CA GLN A 338 46.94 19.72 -7.30
C GLN A 338 48.33 19.12 -7.09
N LYS A 339 48.73 18.81 -5.88
CA LYS A 339 50.03 18.18 -5.58
C LYS A 339 50.05 16.74 -6.13
N ARG A 340 48.96 16.00 -5.99
CA ARG A 340 48.92 14.66 -6.63
C ARG A 340 49.13 14.76 -8.15
N ASN A 341 48.46 15.71 -8.80
CA ASN A 341 48.64 15.88 -10.26
C ASN A 341 50.08 16.22 -10.60
N GLU A 342 50.78 17.12 -9.90
CA GLU A 342 52.15 17.45 -10.29
C GLU A 342 53.07 16.26 -10.05
N GLU A 343 52.88 15.53 -8.95
CA GLU A 343 53.62 14.30 -8.70
C GLU A 343 53.27 13.29 -9.80
N ALA A 344 52.02 13.14 -10.20
CA ALA A 344 51.71 12.16 -11.27
C ALA A 344 52.38 12.53 -12.59
N LYS A 345 52.37 13.83 -12.90
CA LYS A 345 52.96 14.28 -14.18
C LYS A 345 54.45 14.00 -14.24
N LYS A 346 55.17 14.23 -13.17
CA LYS A 346 56.59 13.96 -13.06
C LYS A 346 56.91 12.49 -13.28
N LEU A 347 56.10 11.61 -12.68
CA LEU A 347 56.28 10.17 -12.80
C LEU A 347 56.11 9.74 -14.24
N LEU A 348 55.11 10.19 -14.93
CA LEU A 348 54.89 9.83 -16.33
C LEU A 348 56.06 10.30 -17.20
N ALA A 349 56.46 11.55 -17.04
CA ALA A 349 57.58 12.11 -17.81
C ALA A 349 58.82 11.26 -17.59
N GLU A 350 59.12 10.83 -16.36
CA GLU A 350 60.31 10.00 -16.11
C GLU A 350 60.17 8.65 -16.78
N ALA A 351 58.96 8.14 -17.01
CA ALA A 351 58.69 6.90 -17.70
C ALA A 351 58.62 7.09 -19.22
N GLY A 352 58.95 8.25 -19.77
CA GLY A 352 58.94 8.49 -21.19
C GLY A 352 57.65 8.99 -21.80
N PHE A 353 56.64 9.37 -21.01
CA PHE A 353 55.38 9.80 -21.65
C PHE A 353 55.19 11.29 -21.42
N THR A 354 54.93 12.03 -22.52
CA THR A 354 54.68 13.46 -22.37
C THR A 354 53.49 13.91 -23.21
N ALA A 355 53.28 15.24 -23.22
CA ALA A 355 52.27 15.78 -24.16
C ALA A 355 53.00 15.52 -25.48
N ASP A 356 52.39 15.52 -26.66
CA ASP A 356 53.19 15.28 -27.87
C ASP A 356 53.62 13.85 -28.10
N LYS A 357 53.55 12.93 -27.16
CA LYS A 357 53.88 11.51 -27.29
C LYS A 357 53.35 10.79 -26.04
N PRO A 358 52.02 10.86 -25.90
CA PRO A 358 51.37 10.46 -24.68
C PRO A 358 50.92 9.02 -24.59
N LEU A 359 50.80 8.60 -23.34
CA LEU A 359 50.23 7.27 -23.04
C LEU A 359 48.81 7.20 -23.56
N THR A 360 48.49 6.19 -24.31
CA THR A 360 47.15 5.93 -24.83
C THR A 360 46.77 4.51 -24.45
N PHE A 361 45.55 4.23 -24.02
CA PHE A 361 45.24 2.84 -23.64
C PHE A 361 43.75 2.60 -23.75
N ASP A 362 43.34 1.34 -23.66
CA ASP A 362 41.94 0.97 -23.67
C ASP A 362 41.41 0.80 -22.25
N LEU A 363 40.21 1.31 -22.00
CA LEU A 363 39.56 1.18 -20.74
C LEU A 363 38.34 0.27 -21.01
N LEU A 364 38.38 -0.92 -20.40
CA LEU A 364 37.29 -1.90 -20.56
C LEU A 364 36.28 -1.83 -19.44
N TYR A 365 34.98 -1.81 -19.75
CA TYR A 365 33.92 -1.79 -18.76
C TYR A 365 32.82 -2.73 -19.29
N ASN A 366 32.01 -3.17 -18.32
CA ASN A 366 30.88 -4.04 -18.63
C ASN A 366 29.62 -3.22 -18.88
N THR A 367 28.95 -3.54 -20.00
CA THR A 367 27.73 -2.75 -20.33
C THR A 367 26.84 -2.36 -19.18
N SER A 368 26.50 -1.06 -19.11
CA SER A 368 25.79 -0.46 -18.02
C SER A 368 25.56 1.04 -18.26
N ASP A 369 24.51 1.63 -17.70
CA ASP A 369 24.42 3.10 -17.90
C ASP A 369 25.39 3.76 -16.89
N LEU A 370 25.48 3.20 -15.69
CA LEU A 370 26.34 3.76 -14.66
C LEU A 370 27.82 3.64 -15.02
N HIS A 371 28.30 2.47 -15.45
CA HIS A 371 29.75 2.34 -15.70
C HIS A 371 30.19 3.20 -16.88
N LYS A 372 29.42 3.28 -17.95
CA LYS A 372 29.70 4.13 -19.10
C LYS A 372 29.86 5.59 -18.68
N LYS A 373 28.91 6.16 -17.99
CA LYS A 373 28.91 7.50 -17.46
C LYS A 373 30.16 7.77 -16.60
N LEU A 374 30.51 6.85 -15.68
CA LEU A 374 31.73 7.02 -14.90
C LEU A 374 33.01 6.92 -15.71
N ALA A 375 33.03 6.03 -16.68
CA ALA A 375 34.13 5.77 -17.57
C ALA A 375 34.36 7.04 -18.42
N ILE A 376 33.26 7.70 -18.85
CA ILE A 376 33.51 8.96 -19.62
C ILE A 376 34.07 10.03 -18.70
N ALA A 377 33.58 10.18 -17.48
CA ALA A 377 34.08 11.19 -16.59
C ALA A 377 35.53 10.90 -16.19
N VAL A 378 35.88 9.65 -15.90
CA VAL A 378 37.29 9.37 -15.52
C VAL A 378 38.24 9.66 -16.64
N ALA A 379 37.91 9.31 -17.89
CA ALA A 379 38.72 9.51 -19.07
C ALA A 379 39.04 10.99 -19.29
N SER A 380 38.08 11.86 -19.04
CA SER A 380 38.25 13.28 -19.22
C SER A 380 39.07 13.86 -18.07
N ILE A 381 39.01 13.32 -16.86
CA ILE A 381 39.85 13.77 -15.75
C ILE A 381 41.31 13.40 -15.94
N TRP A 382 41.57 12.23 -16.49
CA TRP A 382 42.88 11.72 -16.79
C TRP A 382 43.49 12.50 -17.94
N LYS A 383 42.71 12.74 -19.00
CA LYS A 383 43.09 13.60 -20.10
C LYS A 383 43.48 14.97 -19.54
N LYS A 384 42.68 15.57 -18.68
CA LYS A 384 42.95 16.89 -18.17
C LYS A 384 44.09 16.98 -17.18
N ASN A 385 44.28 16.00 -16.30
CA ASN A 385 45.32 16.04 -15.28
C ASN A 385 46.64 15.39 -15.71
N LEU A 386 46.66 14.60 -16.78
CA LEU A 386 47.87 13.92 -17.22
C LEU A 386 48.15 13.93 -18.71
N GLY A 387 47.14 14.30 -19.51
CA GLY A 387 47.34 14.32 -20.96
C GLY A 387 47.22 12.92 -21.54
N VAL A 388 46.65 11.95 -20.81
CA VAL A 388 46.58 10.62 -21.44
C VAL A 388 45.32 10.52 -22.31
N ASN A 389 45.35 9.68 -23.31
CA ASN A 389 44.20 9.41 -24.17
C ASN A 389 43.66 7.98 -23.92
N VAL A 390 42.42 7.84 -23.52
CA VAL A 390 41.85 6.51 -23.33
C VAL A 390 40.68 6.25 -24.27
N ASN A 391 40.72 5.09 -24.91
CA ASN A 391 39.69 4.54 -25.76
C ASN A 391 38.76 3.62 -24.95
N LEU A 392 37.50 3.96 -24.80
CA LEU A 392 36.52 3.21 -24.09
C LEU A 392 36.09 1.96 -24.85
N GLU A 393 35.86 0.90 -24.10
CA GLU A 393 35.48 -0.39 -24.73
C GLU A 393 34.48 -1.09 -23.81
N ASN A 394 33.35 -1.59 -24.36
CA ASN A 394 32.38 -2.25 -23.51
C ASN A 394 32.12 -3.70 -23.95
N GLN A 395 31.86 -4.57 -22.95
CA GLN A 395 31.64 -5.98 -23.21
C GLN A 395 30.50 -6.45 -22.28
N GLU A 396 29.71 -7.41 -22.73
CA GLU A 396 28.65 -7.96 -21.90
C GLU A 396 29.32 -8.68 -20.70
N TRP A 397 28.66 -8.70 -19.59
CA TRP A 397 29.14 -9.28 -18.34
C TRP A 397 30.00 -10.53 -18.43
N LYS A 398 29.51 -11.64 -19.04
CA LYS A 398 30.29 -12.87 -19.02
C LYS A 398 31.54 -12.83 -19.89
N THR A 399 31.55 -12.06 -20.99
CA THR A 399 32.71 -11.90 -21.80
C THR A 399 33.72 -10.99 -21.05
N PHE A 400 33.22 -9.93 -20.43
CA PHE A 400 34.06 -9.04 -19.64
C PHE A 400 34.86 -9.85 -18.57
N LEU A 401 34.19 -10.67 -17.78
CA LEU A 401 34.88 -11.44 -16.73
C LEU A 401 35.88 -12.37 -17.35
N ASP A 402 35.57 -13.03 -18.47
CA ASP A 402 36.56 -13.89 -19.12
C ASP A 402 37.75 -13.20 -19.72
N THR A 403 37.65 -12.01 -20.28
CA THR A 403 38.74 -11.20 -20.77
C THR A 403 39.66 -10.87 -19.59
N ARG A 404 39.07 -10.49 -18.43
CA ARG A 404 40.03 -10.14 -17.33
C ARG A 404 40.83 -11.33 -16.91
N HIS A 405 40.24 -12.54 -16.86
CA HIS A 405 40.96 -13.75 -16.48
C HIS A 405 42.00 -14.06 -17.55
N GLN A 406 41.68 -13.85 -18.84
CA GLN A 406 42.73 -14.14 -19.85
C GLN A 406 43.76 -13.02 -19.90
N GLY A 407 43.63 -11.80 -19.32
CA GLY A 407 44.67 -10.83 -19.43
C GLY A 407 44.72 -10.13 -20.81
N THR A 408 43.65 -10.11 -21.60
CA THR A 408 43.67 -9.43 -22.90
C THR A 408 43.10 -8.05 -22.76
N PHE A 409 43.59 -7.29 -21.78
CA PHE A 409 43.07 -5.94 -21.53
C PHE A 409 44.21 -5.07 -21.00
N ASP A 410 43.98 -3.79 -20.97
CA ASP A 410 44.95 -2.84 -20.41
C ASP A 410 44.50 -2.41 -18.99
N VAL A 411 43.39 -1.69 -18.95
CA VAL A 411 42.80 -1.21 -17.71
C VAL A 411 41.33 -1.52 -17.74
N ALA A 412 40.79 -2.04 -16.63
CA ALA A 412 39.36 -2.37 -16.59
C ALA A 412 38.67 -1.77 -15.37
N ARG A 413 37.40 -1.42 -15.56
CA ARG A 413 36.55 -1.08 -14.41
C ARG A 413 36.33 -2.38 -13.62
N ALA A 414 36.27 -2.33 -12.29
CA ALA A 414 36.03 -3.62 -11.60
C ALA A 414 35.31 -3.28 -10.28
N GLY A 415 34.73 -4.33 -9.68
CA GLY A 415 34.14 -4.17 -8.37
C GLY A 415 34.28 -5.52 -7.63
N TRP A 416 34.64 -5.51 -6.37
CA TRP A 416 34.82 -6.74 -5.63
C TRP A 416 34.07 -6.54 -4.31
N CYS A 417 33.21 -7.50 -4.02
CA CYS A 417 32.46 -7.54 -2.80
C CYS A 417 32.90 -8.71 -1.91
N ALA A 418 32.94 -8.52 -0.63
CA ALA A 418 33.37 -9.59 0.27
C ALA A 418 32.53 -10.84 0.11
N ASP A 419 33.16 -12.02 0.34
CA ASP A 419 32.48 -13.30 0.37
C ASP A 419 32.20 -13.69 1.83
N TYR A 420 33.04 -13.20 2.73
CA TYR A 420 32.89 -13.43 4.17
C TYR A 420 33.43 -12.17 4.82
N ASN A 421 32.94 -11.77 6.01
CA ASN A 421 33.46 -10.51 6.59
C ASN A 421 34.72 -10.60 7.41
N GLU A 422 35.89 -10.50 6.75
CA GLU A 422 37.23 -10.55 7.33
C GLU A 422 38.16 -10.10 6.22
N PRO A 423 39.22 -9.37 6.46
CA PRO A 423 40.04 -8.76 5.42
C PRO A 423 40.60 -9.75 4.41
N THR A 424 40.81 -11.03 4.64
CA THR A 424 41.42 -11.91 3.67
C THR A 424 40.46 -12.18 2.49
N SER A 425 39.15 -11.93 2.64
CA SER A 425 38.17 -12.11 1.57
C SER A 425 38.54 -11.19 0.38
N PHE A 426 39.13 -10.02 0.64
CA PHE A 426 39.71 -9.15 -0.34
C PHE A 426 41.18 -9.52 -0.58
N LEU A 427 42.05 -9.52 0.48
CA LEU A 427 43.46 -9.68 0.24
C LEU A 427 43.88 -11.00 -0.42
N ASN A 428 43.23 -12.12 -0.17
CA ASN A 428 43.63 -13.41 -0.77
C ASN A 428 43.50 -13.40 -2.30
N THR A 429 42.67 -12.48 -2.82
CA THR A 429 42.52 -12.38 -4.30
C THR A 429 43.73 -11.78 -4.98
N MET A 430 44.69 -11.18 -4.22
CA MET A 430 45.87 -10.59 -4.77
C MET A 430 47.12 -11.50 -4.63
N LEU A 431 46.93 -12.70 -4.10
CA LEU A 431 48.01 -13.68 -3.92
C LEU A 431 48.47 -14.06 -5.36
N SER A 432 49.74 -14.30 -5.54
CA SER A 432 50.26 -14.58 -6.86
C SER A 432 49.59 -15.75 -7.60
N ASP A 433 49.19 -16.78 -6.87
CA ASP A 433 48.61 -17.94 -7.57
C ASP A 433 47.10 -18.08 -7.46
N SER A 434 46.47 -16.97 -7.05
CA SER A 434 45.01 -17.10 -6.85
C SER A 434 44.30 -17.18 -8.20
N SER A 435 43.26 -17.97 -8.24
CA SER A 435 42.37 -18.03 -9.42
C SER A 435 41.50 -16.78 -9.54
N ASN A 436 41.33 -15.98 -8.47
CA ASN A 436 40.59 -14.69 -8.59
C ASN A 436 41.54 -13.52 -8.91
N ASN A 437 42.84 -13.75 -9.10
CA ASN A 437 43.75 -12.61 -9.30
C ASN A 437 43.67 -12.13 -10.79
N THR A 438 42.69 -11.29 -11.09
CA THR A 438 42.50 -10.70 -12.44
C THR A 438 43.35 -9.46 -12.57
N ALA A 439 44.02 -8.96 -11.50
CA ALA A 439 44.98 -7.86 -11.78
C ALA A 439 46.25 -8.45 -12.37
N HIS A 440 46.48 -9.76 -12.21
CA HIS A 440 47.72 -10.44 -12.62
C HIS A 440 48.90 -9.83 -11.83
N TYR A 441 48.66 -9.54 -10.56
CA TYR A 441 49.67 -8.93 -9.67
C TYR A 441 50.42 -10.07 -9.02
N LYS A 442 51.75 -10.01 -9.00
CA LYS A 442 52.50 -11.12 -8.40
C LYS A 442 53.60 -10.48 -7.52
N SER A 443 53.45 -10.59 -6.21
CA SER A 443 54.47 -10.06 -5.32
C SER A 443 54.75 -11.07 -4.21
N PRO A 444 55.99 -11.54 -4.15
CA PRO A 444 56.43 -12.50 -3.11
C PRO A 444 56.38 -11.82 -1.75
N ALA A 445 56.61 -10.51 -1.67
CA ALA A 445 56.53 -9.84 -0.36
C ALA A 445 55.08 -9.88 0.14
N PHE A 446 54.14 -9.57 -0.78
CA PHE A 446 52.71 -9.63 -0.40
C PHE A 446 52.33 -11.02 -0.02
N ASP A 447 52.67 -12.07 -0.77
CA ASP A 447 52.27 -13.43 -0.46
C ASP A 447 52.71 -13.83 0.98
N LYS A 448 53.96 -13.49 1.27
CA LYS A 448 54.54 -13.84 2.60
C LYS A 448 53.78 -13.18 3.71
N LEU A 449 53.40 -11.88 3.57
CA LEU A 449 52.64 -11.22 4.63
C LEU A 449 51.37 -11.98 4.91
N ILE A 450 50.65 -12.34 3.81
CA ILE A 450 49.41 -13.08 4.03
C ILE A 450 49.69 -14.45 4.63
N ALA A 451 50.66 -15.17 4.12
CA ALA A 451 51.02 -16.49 4.64
C ALA A 451 51.29 -16.41 6.16
N ASP A 452 52.02 -15.44 6.59
CA ASP A 452 52.25 -15.19 8.03
C ASP A 452 51.01 -14.92 8.84
N THR A 453 49.88 -14.46 8.32
CA THR A 453 48.72 -14.20 9.15
C THR A 453 48.12 -15.47 9.74
N LEU A 454 48.40 -16.65 9.19
CA LEU A 454 47.87 -17.85 9.85
C LEU A 454 48.88 -18.38 10.88
N LYS A 455 50.07 -17.83 10.97
CA LYS A 455 51.06 -18.34 11.92
C LYS A 455 51.20 -17.51 13.20
N VAL A 456 50.59 -16.33 13.24
CA VAL A 456 50.69 -15.50 14.43
C VAL A 456 49.72 -16.03 15.49
N ALA A 457 49.96 -15.73 16.76
CA ALA A 457 49.14 -16.24 17.84
C ALA A 457 47.78 -15.52 17.96
N ASP A 458 47.69 -14.21 17.84
CA ASP A 458 46.39 -13.61 18.05
C ASP A 458 45.87 -12.71 16.95
N ASP A 459 44.68 -12.18 17.17
CA ASP A 459 43.99 -11.28 16.25
C ASP A 459 44.66 -9.92 16.14
N THR A 460 45.24 -9.40 17.21
CA THR A 460 45.92 -8.10 17.10
C THR A 460 47.16 -8.18 16.21
N GLN A 461 47.93 -9.27 16.19
CA GLN A 461 49.08 -9.30 15.29
C GLN A 461 48.63 -9.49 13.83
N ARG A 462 47.57 -10.25 13.65
CA ARG A 462 46.90 -10.47 12.37
C ARG A 462 46.47 -9.13 11.75
N SER A 463 45.79 -8.25 12.49
CA SER A 463 45.33 -6.96 11.98
C SER A 463 46.45 -6.05 11.57
N GLU A 464 47.57 -6.07 12.29
CA GLU A 464 48.75 -5.34 11.91
C GLU A 464 49.29 -5.85 10.57
N LEU A 465 49.29 -7.16 10.36
CA LEU A 465 49.81 -7.74 9.12
C LEU A 465 48.90 -7.33 7.97
N TYR A 466 47.59 -7.33 8.17
CA TYR A 466 46.61 -6.95 7.13
C TYR A 466 46.84 -5.50 6.68
N ALA A 467 47.13 -4.63 7.70
CA ALA A 467 47.46 -3.25 7.43
C ALA A 467 48.73 -3.15 6.59
N LYS A 468 49.76 -3.96 6.85
CA LYS A 468 50.99 -3.87 6.11
C LYS A 468 50.82 -4.49 4.68
N ALA A 469 49.89 -5.43 4.55
CA ALA A 469 49.66 -6.00 3.21
C ALA A 469 48.99 -4.93 2.36
N GLU A 470 47.97 -4.22 2.92
CA GLU A 470 47.41 -3.10 2.11
C GLU A 470 48.45 -2.05 1.74
N GLN A 471 49.42 -1.74 2.65
CA GLN A 471 50.48 -0.80 2.34
C GLN A 471 51.39 -1.36 1.24
N GLN A 472 51.62 -2.67 1.22
CA GLN A 472 52.39 -3.25 0.09
C GLN A 472 51.68 -3.08 -1.24
N LEU A 473 50.40 -3.39 -1.31
CA LEU A 473 49.56 -3.23 -2.53
C LEU A 473 49.53 -1.79 -2.98
N ASP A 474 49.48 -0.87 -2.03
CA ASP A 474 49.44 0.58 -2.34
C ASP A 474 50.75 1.12 -2.86
N LYS A 475 51.84 0.69 -2.21
CA LYS A 475 53.16 1.07 -2.70
C LYS A 475 53.43 0.58 -4.11
N ASP A 476 52.99 -0.61 -4.47
CA ASP A 476 53.14 -1.15 -5.83
C ASP A 476 52.04 -0.60 -6.79
N SER A 477 51.03 0.13 -6.32
CA SER A 477 49.94 0.65 -7.17
C SER A 477 49.37 -0.42 -8.11
N ALA A 478 49.01 -1.51 -7.43
CA ALA A 478 48.48 -2.69 -8.18
C ALA A 478 47.14 -2.31 -8.79
N ILE A 479 46.33 -1.45 -8.13
CA ILE A 479 45.06 -1.07 -8.71
C ILE A 479 44.88 0.44 -8.45
N VAL A 480 43.77 1.01 -8.94
CA VAL A 480 43.42 2.40 -8.65
C VAL A 480 42.08 2.39 -7.88
N PRO A 481 42.08 2.46 -6.57
CA PRO A 481 40.87 2.50 -5.76
C PRO A 481 40.02 3.72 -6.07
N VAL A 482 38.70 3.62 -6.19
CA VAL A 482 37.86 4.78 -6.49
C VAL A 482 36.88 5.09 -5.35
N TYR A 483 36.02 4.13 -5.02
CA TYR A 483 35.16 4.33 -3.84
C TYR A 483 34.72 3.01 -3.18
N TYR A 484 34.38 3.10 -1.91
CA TYR A 484 33.71 2.04 -1.14
C TYR A 484 32.18 2.23 -1.39
N TYR A 485 31.50 1.23 -1.86
CA TYR A 485 30.13 1.19 -2.27
C TYR A 485 29.10 1.39 -1.15
N VAL A 486 27.96 1.91 -1.58
CA VAL A 486 26.81 1.88 -0.67
C VAL A 486 25.86 0.91 -1.41
N ASN A 487 25.08 0.20 -0.60
CA ASN A 487 24.13 -0.73 -1.25
C ASN A 487 22.87 0.09 -1.60
N ALA A 488 22.63 0.40 -2.86
CA ALA A 488 21.47 1.21 -3.21
C ALA A 488 20.58 0.62 -4.28
N ARG A 489 19.29 0.50 -3.87
CA ARG A 489 18.25 -0.04 -4.70
C ARG A 489 16.83 0.38 -4.30
N LEU A 490 15.91 0.04 -5.18
CA LEU A 490 14.48 0.32 -4.95
C LEU A 490 13.75 -0.92 -4.43
N VAL A 491 13.09 -0.83 -3.26
CA VAL A 491 12.31 -1.95 -2.72
C VAL A 491 10.83 -1.59 -2.51
N LYS A 492 9.92 -2.11 -3.32
CA LYS A 492 8.49 -1.82 -3.19
C LYS A 492 7.92 -2.04 -1.80
N PRO A 493 6.99 -1.18 -1.42
CA PRO A 493 6.34 -1.17 -0.11
C PRO A 493 5.81 -2.50 0.36
N TRP A 494 5.23 -3.28 -0.52
CA TRP A 494 4.74 -4.60 -0.10
C TRP A 494 5.81 -5.65 0.14
N VAL A 495 6.98 -5.55 -0.50
CA VAL A 495 8.01 -6.58 -0.26
C VAL A 495 8.30 -6.56 1.23
N GLY A 496 8.29 -7.67 1.93
CA GLY A 496 8.61 -7.70 3.36
C GLY A 496 9.85 -8.56 3.61
N GLY A 497 10.58 -8.29 4.68
CA GLY A 497 11.75 -9.01 5.07
C GLY A 497 13.11 -8.46 4.70
N TYR A 498 13.24 -7.46 3.84
CA TYR A 498 14.53 -6.86 3.51
C TYR A 498 14.90 -5.84 4.59
N THR A 499 15.77 -6.23 5.54
CA THR A 499 16.22 -5.30 6.57
C THR A 499 17.30 -4.38 6.02
N GLY A 500 18.25 -4.97 5.29
CA GLY A 500 19.33 -4.22 4.68
C GLY A 500 20.47 -3.99 5.65
N LYS A 501 20.51 -4.72 6.76
CA LYS A 501 21.61 -4.61 7.71
C LYS A 501 22.70 -5.64 7.45
N ASP A 502 22.59 -6.44 6.40
CA ASP A 502 23.62 -7.43 6.05
C ASP A 502 24.56 -6.70 5.07
N PRO A 503 25.75 -6.37 5.52
CA PRO A 503 26.75 -5.70 4.69
C PRO A 503 27.24 -6.53 3.50
N LEU A 504 26.93 -7.83 3.43
CA LEU A 504 27.26 -8.66 2.29
C LEU A 504 26.08 -8.73 1.33
N ASP A 505 24.88 -8.31 1.82
CA ASP A 505 23.68 -8.43 0.98
C ASP A 505 23.46 -9.87 0.52
N ASN A 506 23.66 -10.82 1.43
CA ASN A 506 23.38 -12.23 1.10
C ASN A 506 21.86 -12.43 1.32
N ILE A 507 21.01 -12.14 0.39
CA ILE A 507 19.57 -12.22 0.44
C ILE A 507 19.02 -13.58 0.01
N TYR A 508 18.07 -14.09 0.85
CA TYR A 508 17.45 -15.36 0.37
C TYR A 508 15.98 -15.05 0.09
N VAL A 509 15.42 -15.45 -1.04
CA VAL A 509 14.02 -15.16 -1.38
C VAL A 509 13.05 -15.91 -0.46
N LYS A 510 13.50 -16.93 0.25
CA LYS A 510 12.74 -17.68 1.22
C LYS A 510 12.62 -16.91 2.53
N ASN A 511 13.28 -15.78 2.68
CA ASN A 511 13.20 -15.03 3.94
C ASN A 511 12.26 -13.85 3.79
N LEU A 512 11.79 -13.61 2.58
CA LEU A 512 10.92 -12.56 2.14
C LEU A 512 9.45 -13.01 2.12
N TYR A 513 8.55 -12.05 1.89
CA TYR A 513 7.11 -12.31 1.82
C TYR A 513 6.37 -11.07 1.31
N ILE A 514 5.32 -11.30 0.51
CA ILE A 514 4.54 -10.22 -0.10
C ILE A 514 3.35 -9.83 0.75
N ILE A 515 3.20 -8.53 1.01
CA ILE A 515 2.10 -8.05 1.86
C ILE A 515 0.90 -7.66 1.03
N LYS A 516 -0.29 -7.81 1.62
CA LYS A 516 -1.52 -7.42 0.94
C LYS A 516 -1.53 -5.92 0.67
N HIS A 517 -1.84 -5.57 -0.57
CA HIS A 517 -1.84 -4.21 -1.08
C HIS A 517 -2.79 -4.01 -2.25
N LYS B 1 33.28 -11.93 -4.43
CA LYS B 1 32.54 -12.08 -5.72
C LYS B 1 32.55 -10.75 -6.51
N GLY B 2 32.54 -10.89 -7.81
CA GLY B 2 32.68 -9.69 -8.66
C GLY B 2 31.36 -8.95 -8.76
N LYS B 3 31.39 -7.62 -8.81
CA LYS B 3 30.23 -6.79 -9.01
C LYS B 3 30.35 -5.80 -10.18
N ALA C 1 -17.63 28.89 -2.45
CA ALA C 1 -18.59 30.03 -2.46
C ALA C 1 -18.41 30.96 -3.65
N ASP C 2 -19.53 31.42 -4.19
CA ASP C 2 -19.48 32.40 -5.29
C ASP C 2 -20.04 33.70 -4.73
N VAL C 3 -19.20 34.57 -4.20
CA VAL C 3 -19.61 35.81 -3.55
C VAL C 3 -19.97 36.81 -4.66
N PRO C 4 -21.20 37.30 -4.63
CA PRO C 4 -21.67 38.23 -5.63
C PRO C 4 -20.78 39.48 -5.66
N ALA C 5 -20.40 39.91 -6.86
CA ALA C 5 -19.59 41.13 -6.94
C ALA C 5 -20.44 42.21 -6.27
N GLY C 6 -19.92 43.02 -5.37
CA GLY C 6 -20.79 43.97 -4.68
C GLY C 6 -21.16 43.63 -3.26
N VAL C 7 -20.67 42.52 -2.71
CA VAL C 7 -20.98 42.17 -1.32
C VAL C 7 -19.78 42.50 -0.46
N GLN C 8 -20.01 43.00 0.74
CA GLN C 8 -18.93 43.21 1.68
C GLN C 8 -18.86 42.08 2.72
N LEU C 9 -17.70 41.42 2.78
CA LEU C 9 -17.48 40.29 3.68
C LEU C 9 -17.06 40.68 5.07
N ALA C 10 -17.58 40.04 6.10
CA ALA C 10 -17.15 40.32 7.46
C ALA C 10 -15.67 39.95 7.61
N ASP C 11 -15.06 40.56 8.65
CA ASP C 11 -13.69 40.29 8.99
C ASP C 11 -13.54 38.91 9.62
N LYS C 12 -14.48 38.49 10.44
CA LYS C 12 -14.40 37.18 11.07
C LYS C 12 -15.24 36.20 10.22
N GLN C 13 -14.60 35.22 9.61
CA GLN C 13 -15.43 34.28 8.78
C GLN C 13 -15.65 33.00 9.56
N THR C 14 -16.52 33.00 10.57
CA THR C 14 -16.80 31.87 11.41
C THR C 14 -18.35 31.71 11.50
N LEU C 15 -18.79 30.45 11.70
CA LEU C 15 -20.19 30.08 11.65
C LEU C 15 -20.53 29.04 12.71
N VAL C 16 -21.69 29.24 13.34
CA VAL C 16 -22.12 28.26 14.37
C VAL C 16 -23.48 27.72 13.86
N ARG C 17 -23.48 26.39 13.66
CA ARG C 17 -24.73 25.69 13.27
C ARG C 17 -25.23 24.77 14.34
N ASN C 18 -26.55 24.62 14.58
CA ASN C 18 -27.00 23.54 15.44
C ASN C 18 -27.20 22.25 14.56
N ASN C 19 -26.89 21.08 15.15
CA ASN C 19 -26.91 19.87 14.25
C ASN C 19 -27.89 18.82 14.73
N GLY C 20 -28.71 19.18 15.75
CA GLY C 20 -29.77 18.20 16.10
C GLY C 20 -29.43 17.15 17.09
N SER C 21 -28.26 16.51 17.11
CA SER C 21 -27.94 15.55 18.14
C SER C 21 -26.45 15.33 17.97
N GLU C 22 -25.87 14.53 18.78
CA GLU C 22 -24.50 14.08 18.74
C GLU C 22 -24.46 12.97 17.63
N VAL C 23 -23.48 13.06 16.77
CA VAL C 23 -23.43 12.08 15.65
C VAL C 23 -23.21 10.67 16.08
N GLN C 24 -23.69 9.74 15.23
CA GLN C 24 -23.31 8.34 15.41
C GLN C 24 -21.79 8.19 15.37
N SER C 25 -21.15 8.82 14.37
CA SER C 25 -19.75 8.58 14.12
C SER C 25 -19.30 9.63 13.07
N LEU C 26 -17.99 9.70 12.85
CA LEU C 26 -17.48 10.53 11.75
C LEU C 26 -16.99 9.62 10.64
N ASP C 27 -17.04 8.30 10.89
CA ASP C 27 -16.57 7.39 9.81
C ASP C 27 -17.69 7.28 8.74
N PRO C 28 -17.44 7.62 7.51
CA PRO C 28 -18.51 7.65 6.47
C PRO C 28 -19.18 6.30 6.22
N HIS C 29 -18.51 5.21 6.50
CA HIS C 29 -19.14 3.87 6.39
C HIS C 29 -19.95 3.45 7.59
N LYS C 30 -19.99 4.24 8.68
CA LYS C 30 -20.76 3.88 9.83
C LYS C 30 -21.94 4.79 10.01
N ILE C 31 -22.34 5.67 9.13
CA ILE C 31 -23.42 6.63 9.51
C ILE C 31 -24.67 6.44 8.61
N GLU C 32 -25.81 6.87 9.09
CA GLU C 32 -27.01 6.77 8.25
C GLU C 32 -27.89 8.01 8.40
N GLY C 33 -27.58 9.00 9.21
CA GLY C 33 -28.55 10.10 9.43
C GLY C 33 -28.18 11.44 8.86
N VAL C 34 -29.16 12.37 8.95
CA VAL C 34 -28.91 13.73 8.46
C VAL C 34 -27.85 14.48 9.28
N PRO C 35 -27.79 14.45 10.60
CA PRO C 35 -26.79 15.15 11.39
C PRO C 35 -25.36 14.62 11.03
N GLU C 36 -25.25 13.29 10.90
CA GLU C 36 -24.02 12.63 10.43
C GLU C 36 -23.57 13.15 9.06
N SER C 37 -24.47 13.21 8.10
CA SER C 37 -24.16 13.62 6.76
C SER C 37 -23.82 15.09 6.67
N ASN C 38 -24.40 15.96 7.47
CA ASN C 38 -24.11 17.37 7.51
C ASN C 38 -22.61 17.59 7.77
N VAL C 39 -22.06 16.91 8.78
CA VAL C 39 -20.61 17.09 9.04
C VAL C 39 -19.78 16.37 7.99
N SER C 40 -20.25 15.19 7.54
CA SER C 40 -19.49 14.37 6.57
C SER C 40 -19.22 15.17 5.32
N ARG C 41 -20.25 15.88 4.81
CA ARG C 41 -20.01 16.58 3.52
C ARG C 41 -18.90 17.65 3.61
N ASP C 42 -18.70 18.27 4.81
CA ASP C 42 -17.61 19.28 4.91
C ASP C 42 -16.26 18.58 5.00
N LEU C 43 -16.17 17.36 5.52
CA LEU C 43 -14.91 16.64 5.69
C LEU C 43 -14.48 15.68 4.58
N PHE C 44 -15.39 14.96 3.92
CA PHE C 44 -15.02 13.91 2.95
C PHE C 44 -15.76 14.17 1.66
N GLU C 45 -14.99 14.06 0.54
CA GLU C 45 -15.58 14.44 -0.74
C GLU C 45 -15.48 13.27 -1.74
N GLY C 46 -16.62 12.91 -2.28
CA GLY C 46 -16.69 11.76 -3.20
C GLY C 46 -16.45 12.20 -4.65
N LEU C 47 -16.90 11.32 -5.59
CA LEU C 47 -16.68 11.54 -7.00
C LEU C 47 -17.44 12.73 -7.52
N LEU C 48 -18.64 12.92 -7.02
CA LEU C 48 -19.51 14.03 -7.41
C LEU C 48 -19.99 14.73 -6.13
N ILE C 49 -20.37 16.01 -6.20
CA ILE C 49 -20.95 16.74 -5.09
C ILE C 49 -22.21 17.47 -5.61
N SER C 50 -23.00 18.07 -4.74
CA SER C 50 -24.16 18.84 -5.22
C SER C 50 -23.81 20.32 -5.39
N ASP C 51 -24.32 20.99 -6.43
CA ASP C 51 -24.09 22.44 -6.54
C ASP C 51 -25.13 23.10 -5.67
N VAL C 52 -25.23 24.43 -5.59
CA VAL C 52 -26.15 25.15 -4.73
C VAL C 52 -27.64 25.04 -5.08
N GLU C 53 -27.93 24.47 -6.22
CA GLU C 53 -29.31 24.13 -6.58
C GLU C 53 -29.60 22.64 -6.41
N GLY C 54 -28.66 21.83 -5.94
CA GLY C 54 -28.94 20.40 -5.73
C GLY C 54 -28.54 19.53 -6.90
N HIS C 55 -27.95 20.05 -8.00
CA HIS C 55 -27.59 19.14 -9.07
C HIS C 55 -26.19 18.55 -8.95
N PRO C 56 -26.06 17.33 -9.45
CA PRO C 56 -24.81 16.57 -9.46
C PRO C 56 -23.75 17.35 -10.24
N SER C 57 -22.59 17.52 -9.61
CA SER C 57 -21.56 18.33 -10.28
C SER C 57 -20.22 17.78 -9.91
N PRO C 58 -19.14 18.21 -10.56
CA PRO C 58 -17.83 17.62 -10.39
C PRO C 58 -17.32 17.66 -8.96
N GLY C 59 -16.83 16.54 -8.42
CA GLY C 59 -16.23 16.62 -7.06
C GLY C 59 -14.78 16.19 -7.23
N VAL C 60 -14.37 15.02 -6.81
CA VAL C 60 -13.01 14.55 -7.10
C VAL C 60 -12.92 14.17 -8.61
N ALA C 61 -14.04 13.65 -9.16
CA ALA C 61 -14.03 13.34 -10.60
C ALA C 61 -14.32 14.64 -11.37
N GLU C 62 -13.45 15.00 -12.32
CA GLU C 62 -13.71 16.23 -13.10
C GLU C 62 -14.63 15.94 -14.26
N LYS C 63 -14.67 14.71 -14.76
CA LYS C 63 -15.64 14.36 -15.78
C LYS C 63 -15.79 12.84 -15.83
N TRP C 64 -16.91 12.43 -16.44
CA TRP C 64 -17.19 10.99 -16.43
C TRP C 64 -17.93 10.61 -17.70
N GLU C 65 -17.94 9.31 -17.99
CA GLU C 65 -18.73 8.87 -19.13
C GLU C 65 -19.30 7.50 -18.83
N ASN C 66 -20.14 6.99 -19.75
CA ASN C 66 -20.63 5.63 -19.56
C ASN C 66 -20.80 4.95 -20.92
N LYS C 67 -20.78 3.64 -20.92
CA LYS C 67 -21.07 2.78 -22.03
C LYS C 67 -22.35 1.98 -21.71
N ASP C 68 -23.46 2.32 -22.35
CA ASP C 68 -24.72 1.56 -22.26
C ASP C 68 -25.32 1.64 -20.85
N PHE C 69 -24.94 2.65 -20.07
CA PHE C 69 -25.24 2.85 -18.66
C PHE C 69 -24.80 1.70 -17.78
N LYS C 70 -23.88 0.86 -18.18
CA LYS C 70 -23.43 -0.33 -17.49
C LYS C 70 -22.00 -0.24 -17.01
N VAL C 71 -21.17 0.50 -17.75
CA VAL C 71 -19.74 0.62 -17.35
C VAL C 71 -19.55 2.14 -17.28
N TRP C 72 -19.14 2.62 -16.11
CA TRP C 72 -18.98 4.05 -15.84
C TRP C 72 -17.50 4.32 -15.57
N THR C 73 -16.98 5.30 -16.29
CA THR C 73 -15.57 5.68 -16.12
C THR C 73 -15.43 7.07 -15.56
N PHE C 74 -14.68 7.27 -14.46
CA PHE C 74 -14.59 8.59 -13.86
C PHE C 74 -13.15 9.10 -14.03
N HIS C 75 -12.94 10.29 -14.51
CA HIS C 75 -11.57 10.85 -14.64
C HIS C 75 -11.33 11.80 -13.48
N LEU C 76 -10.48 11.42 -12.55
CA LEU C 76 -10.13 12.19 -11.37
C LEU C 76 -9.19 13.35 -11.60
N ARG C 77 -9.51 14.48 -10.95
CA ARG C 77 -8.63 15.66 -11.09
C ARG C 77 -7.27 15.36 -10.48
N GLU C 78 -6.21 15.88 -11.17
CA GLU C 78 -4.85 15.60 -10.74
C GLU C 78 -4.50 16.37 -9.48
N ASN C 79 -5.16 17.47 -9.14
CA ASN C 79 -4.72 18.14 -7.91
C ASN C 79 -5.53 17.79 -6.65
N ALA C 80 -6.21 16.67 -6.63
CA ALA C 80 -7.07 16.30 -5.48
C ALA C 80 -6.14 15.76 -4.43
N LYS C 81 -6.19 16.24 -3.19
CA LYS C 81 -5.30 15.73 -2.17
C LYS C 81 -6.00 15.56 -0.81
N TRP C 82 -5.35 14.79 0.04
CA TRP C 82 -5.81 14.61 1.39
C TRP C 82 -5.27 15.75 2.24
N SER C 83 -5.74 15.85 3.49
CA SER C 83 -5.24 16.97 4.31
C SER C 83 -3.79 16.85 4.72
N ASP C 84 -3.15 15.71 4.52
CA ASP C 84 -1.73 15.56 4.89
C ASP C 84 -0.83 15.78 3.69
N GLY C 85 -1.38 16.26 2.57
CA GLY C 85 -0.65 16.48 1.36
C GLY C 85 -0.53 15.26 0.45
N THR C 86 -1.00 14.07 0.79
CA THR C 86 -0.91 12.94 -0.14
C THR C 86 -2.05 13.07 -1.15
N PRO C 87 -1.80 12.63 -2.37
CA PRO C 87 -2.77 12.71 -3.43
C PRO C 87 -4.00 11.79 -3.24
N VAL C 88 -5.14 12.21 -3.74
CA VAL C 88 -6.33 11.33 -3.73
C VAL C 88 -6.30 10.61 -5.11
N THR C 89 -6.34 9.27 -5.11
CA THR C 89 -6.26 8.52 -6.34
C THR C 89 -7.46 7.56 -6.49
N ALA C 90 -7.43 6.87 -7.64
CA ALA C 90 -8.50 5.86 -7.92
C ALA C 90 -8.35 4.71 -6.96
N HIS C 91 -7.13 4.47 -6.43
CA HIS C 91 -6.90 3.39 -5.49
C HIS C 91 -7.65 3.59 -4.18
N ASP C 92 -7.77 4.84 -3.75
CA ASP C 92 -8.53 5.18 -2.53
C ASP C 92 -10.02 4.81 -2.70
N PHE C 93 -10.58 5.01 -3.87
CA PHE C 93 -11.98 4.63 -4.14
C PHE C 93 -12.21 3.13 -4.14
N VAL C 94 -11.29 2.38 -4.77
CA VAL C 94 -11.37 0.93 -4.78
C VAL C 94 -11.34 0.41 -3.35
N TYR C 95 -10.34 0.80 -2.55
CA TYR C 95 -10.28 0.30 -1.17
C TYR C 95 -11.53 0.69 -0.35
N SER C 96 -12.00 1.93 -0.50
CA SER C 96 -13.16 2.43 0.25
C SER C 96 -14.45 1.70 -0.11
N TRP C 97 -14.76 1.47 -1.39
CA TRP C 97 -16.06 0.80 -1.73
C TRP C 97 -16.00 -0.65 -1.37
N GLN C 98 -14.80 -1.28 -1.43
CA GLN C 98 -14.62 -2.64 -0.90
C GLN C 98 -14.85 -2.67 0.59
N ARG C 99 -14.30 -1.70 1.33
CA ARG C 99 -14.53 -1.71 2.77
C ARG C 99 -16.00 -1.53 3.09
N LEU C 100 -16.73 -0.70 2.33
CA LEU C 100 -18.17 -0.48 2.55
C LEU C 100 -18.98 -1.79 2.34
N ALA C 101 -18.61 -2.56 1.33
CA ALA C 101 -19.32 -3.78 0.98
C ALA C 101 -19.01 -4.91 1.96
N ASP C 102 -17.79 -4.88 2.54
CA ASP C 102 -17.39 -5.98 3.45
C ASP C 102 -18.31 -6.08 4.63
N PRO C 103 -18.83 -7.30 4.88
CA PRO C 103 -19.70 -7.61 5.99
C PRO C 103 -19.03 -7.34 7.33
N ASN C 104 -17.70 -7.39 7.36
CA ASN C 104 -17.06 -7.11 8.67
C ASN C 104 -17.22 -5.65 9.06
N THR C 105 -17.31 -4.71 8.14
CA THR C 105 -17.52 -3.28 8.47
C THR C 105 -18.92 -3.08 9.08
N ALA C 106 -19.94 -3.89 8.73
CA ALA C 106 -21.28 -3.79 9.24
C ALA C 106 -21.91 -2.39 9.02
N SER C 107 -21.76 -1.84 7.81
CA SER C 107 -22.30 -0.48 7.60
C SER C 107 -23.81 -0.56 7.50
N PRO C 108 -24.55 0.38 8.06
CA PRO C 108 -25.97 0.45 7.83
C PRO C 108 -26.29 0.76 6.38
N TYR C 109 -25.32 1.28 5.59
CA TYR C 109 -25.48 1.57 4.18
C TYR C 109 -24.65 0.61 3.30
N ALA C 110 -24.43 -0.63 3.72
CA ALA C 110 -23.75 -1.59 2.83
C ALA C 110 -24.62 -1.83 1.56
N SER C 111 -25.94 -1.74 1.74
CA SER C 111 -26.85 -1.95 0.61
C SER C 111 -26.83 -0.82 -0.43
N TYR C 112 -26.21 0.31 -0.17
CA TYR C 112 -26.12 1.40 -1.17
C TYR C 112 -25.41 0.89 -2.43
N LEU C 113 -24.48 -0.05 -2.30
CA LEU C 113 -23.80 -0.61 -3.47
C LEU C 113 -24.73 -1.58 -4.22
N GLN C 114 -25.73 -2.11 -3.55
CA GLN C 114 -26.75 -2.95 -4.20
C GLN C 114 -27.73 -2.06 -4.97
N TYR C 115 -28.02 -0.89 -4.43
CA TYR C 115 -28.85 0.07 -5.11
C TYR C 115 -28.16 0.52 -6.41
N GLY C 116 -26.83 0.68 -6.45
CA GLY C 116 -26.24 1.04 -7.74
C GLY C 116 -25.99 -0.21 -8.63
N HIS C 117 -26.23 -1.41 -8.14
CA HIS C 117 -26.04 -2.67 -8.82
C HIS C 117 -24.62 -2.90 -9.31
N ILE C 118 -23.62 -2.67 -8.47
CA ILE C 118 -22.22 -2.98 -8.85
C ILE C 118 -22.01 -4.46 -9.00
N ALA C 119 -21.25 -4.92 -10.00
CA ALA C 119 -21.13 -6.38 -10.21
C ALA C 119 -20.64 -7.09 -8.97
N ASN C 120 -21.21 -8.22 -8.61
CA ASN C 120 -20.89 -9.12 -7.54
C ASN C 120 -21.25 -8.66 -6.12
N ILE C 121 -21.98 -7.58 -5.98
CA ILE C 121 -22.28 -7.07 -4.63
C ILE C 121 -23.13 -8.04 -3.85
N ASP C 122 -24.18 -8.65 -4.37
CA ASP C 122 -25.02 -9.50 -3.52
C ASP C 122 -24.23 -10.67 -2.91
N ASP C 123 -23.38 -11.29 -3.74
CA ASP C 123 -22.57 -12.37 -3.16
C ASP C 123 -21.61 -11.86 -2.11
N ILE C 124 -21.07 -10.62 -2.29
CA ILE C 124 -20.13 -10.15 -1.26
C ILE C 124 -20.88 -9.94 0.04
N ILE C 125 -22.05 -9.34 0.00
CA ILE C 125 -22.81 -9.04 1.24
C ILE C 125 -23.23 -10.33 1.92
N ALA C 126 -23.61 -11.36 1.16
CA ALA C 126 -23.95 -12.66 1.71
C ALA C 126 -22.72 -13.46 2.16
N GLY C 127 -21.49 -13.03 2.02
CA GLY C 127 -20.34 -13.79 2.42
C GLY C 127 -19.87 -14.91 1.53
N LYS C 128 -20.31 -15.04 0.30
CA LYS C 128 -19.88 -16.03 -0.65
C LYS C 128 -18.64 -15.66 -1.44
N LYS C 129 -18.36 -14.36 -1.64
CA LYS C 129 -17.18 -13.89 -2.34
C LYS C 129 -16.47 -12.86 -1.45
N PRO C 130 -15.16 -12.75 -1.57
CA PRO C 130 -14.40 -11.75 -0.84
C PRO C 130 -14.77 -10.39 -1.44
N ALA C 131 -14.61 -9.30 -0.69
CA ALA C 131 -14.90 -7.94 -1.13
C ALA C 131 -14.10 -7.47 -2.32
N THR C 132 -12.92 -8.07 -2.51
CA THR C 132 -12.01 -7.84 -3.61
C THR C 132 -12.58 -8.28 -4.93
N ASP C 133 -13.69 -8.99 -5.05
CA ASP C 133 -14.33 -9.29 -6.32
C ASP C 133 -15.28 -8.19 -6.78
N LEU C 134 -15.52 -7.19 -5.93
CA LEU C 134 -16.44 -6.11 -6.26
C LEU C 134 -16.04 -5.61 -7.61
N GLY C 135 -17.02 -5.19 -8.39
CA GLY C 135 -16.90 -4.66 -9.75
C GLY C 135 -16.32 -3.25 -9.88
N VAL C 136 -15.20 -2.93 -9.22
CA VAL C 136 -14.65 -1.60 -9.39
C VAL C 136 -13.15 -1.79 -9.71
N LYS C 137 -12.55 -0.85 -10.42
CA LYS C 137 -11.11 -1.01 -10.63
C LYS C 137 -10.40 0.30 -10.93
N ALA C 138 -9.13 0.32 -10.49
CA ALA C 138 -8.37 1.54 -10.84
C ALA C 138 -7.64 1.23 -12.17
N LEU C 139 -7.98 1.84 -13.27
CA LEU C 139 -7.27 1.60 -14.54
C LEU C 139 -5.87 2.27 -14.45
N ASP C 140 -5.70 3.32 -13.67
CA ASP C 140 -4.40 3.96 -13.37
C ASP C 140 -4.73 4.88 -12.18
N ASP C 141 -3.77 5.73 -11.78
CA ASP C 141 -3.99 6.52 -10.56
C ASP C 141 -5.16 7.49 -10.64
N HIS C 142 -5.48 8.00 -11.82
CA HIS C 142 -6.58 8.99 -11.96
C HIS C 142 -7.77 8.47 -12.71
N THR C 143 -7.97 7.18 -12.91
CA THR C 143 -9.09 6.63 -13.67
C THR C 143 -9.74 5.46 -12.93
N PHE C 144 -10.98 5.67 -12.53
CA PHE C 144 -11.78 4.73 -11.72
C PHE C 144 -12.92 4.15 -12.56
N GLU C 145 -12.98 2.84 -12.74
CA GLU C 145 -13.98 2.23 -13.60
C GLU C 145 -14.99 1.35 -12.76
N VAL C 146 -16.28 1.57 -12.96
CA VAL C 146 -17.25 0.76 -12.19
C VAL C 146 -18.04 -0.07 -13.22
N THR C 147 -18.26 -1.34 -12.96
CA THR C 147 -19.08 -2.20 -13.81
C THR C 147 -20.36 -2.66 -13.05
N LEU C 148 -21.51 -2.46 -13.66
CA LEU C 148 -22.79 -2.78 -13.09
C LEU C 148 -23.36 -4.06 -13.75
N SER C 149 -24.31 -4.71 -13.06
CA SER C 149 -24.84 -5.94 -13.66
C SER C 149 -26.10 -5.63 -14.48
N GLU C 150 -26.64 -4.41 -14.38
CA GLU C 150 -27.81 -4.03 -15.19
C GLU C 150 -27.53 -2.55 -15.53
N PRO C 151 -28.18 -2.02 -16.54
CA PRO C 151 -28.07 -0.63 -16.93
C PRO C 151 -28.77 0.23 -15.87
N VAL C 152 -28.04 1.22 -15.30
CA VAL C 152 -28.63 2.09 -14.27
C VAL C 152 -28.38 3.51 -14.76
N PRO C 153 -29.34 4.17 -15.40
CA PRO C 153 -29.14 5.46 -16.03
C PRO C 153 -28.88 6.58 -15.04
N TYR C 154 -29.41 6.50 -13.85
CA TYR C 154 -29.23 7.53 -12.84
C TYR C 154 -28.08 7.22 -11.88
N PHE C 155 -27.19 6.27 -12.23
CA PHE C 155 -26.13 5.87 -11.33
C PHE C 155 -25.31 7.02 -10.77
N TYR C 156 -24.90 7.96 -11.63
CA TYR C 156 -24.08 9.09 -11.19
C TYR C 156 -24.77 9.91 -10.12
N LYS C 157 -26.12 9.98 -10.09
CA LYS C 157 -26.80 10.74 -9.02
C LYS C 157 -26.62 10.15 -7.61
N LEU C 158 -26.33 8.86 -7.47
CA LEU C 158 -26.08 8.26 -6.17
C LEU C 158 -24.82 8.76 -5.50
N LEU C 159 -23.87 9.17 -6.36
CA LEU C 159 -22.53 9.42 -5.86
C LEU C 159 -22.27 10.61 -5.00
N VAL C 160 -23.24 11.49 -4.72
CA VAL C 160 -22.98 12.58 -3.81
C VAL C 160 -23.16 12.08 -2.38
N HIS C 161 -23.60 10.88 -2.11
CA HIS C 161 -23.84 10.45 -0.71
C HIS C 161 -22.60 10.12 0.05
N PRO C 162 -22.51 10.36 1.34
CA PRO C 162 -21.28 10.11 2.12
C PRO C 162 -20.81 8.70 2.18
N SER C 163 -21.64 7.65 2.12
CA SER C 163 -21.15 6.29 2.18
C SER C 163 -20.21 5.95 0.98
N VAL C 164 -20.29 6.71 -0.12
CA VAL C 164 -19.37 6.42 -1.21
C VAL C 164 -18.23 7.46 -1.34
N SER C 165 -18.00 8.19 -0.24
CA SER C 165 -16.78 9.01 -0.11
C SER C 165 -15.58 8.10 0.20
N PRO C 166 -14.36 8.54 -0.17
CA PRO C 166 -13.19 7.79 0.16
C PRO C 166 -12.85 7.88 1.62
N VAL C 167 -12.14 6.98 2.19
CA VAL C 167 -11.54 6.97 3.50
C VAL C 167 -10.04 6.71 3.28
N PRO C 168 -9.18 7.20 4.16
CA PRO C 168 -7.72 7.10 3.99
C PRO C 168 -7.16 5.82 4.50
N LYS C 169 -6.84 4.85 3.65
CA LYS C 169 -6.37 3.58 4.18
C LYS C 169 -5.26 3.63 5.23
N SER C 170 -4.22 4.45 5.14
CA SER C 170 -3.18 4.41 6.17
C SER C 170 -3.69 4.72 7.57
N ALA C 171 -4.64 5.66 7.75
CA ALA C 171 -5.16 5.90 9.09
C ALA C 171 -6.06 4.81 9.60
N VAL C 172 -6.99 4.32 8.74
CA VAL C 172 -7.91 3.27 9.14
C VAL C 172 -7.12 2.02 9.60
N GLU C 173 -6.16 1.65 8.78
CA GLU C 173 -5.35 0.48 9.05
C GLU C 173 -4.52 0.63 10.33
N LYS C 174 -3.99 1.82 10.55
CA LYS C 174 -3.12 1.99 11.71
C LYS C 174 -3.89 2.27 12.97
N PHE C 175 -4.96 3.09 12.91
CA PHE C 175 -5.64 3.43 14.17
C PHE C 175 -6.94 2.72 14.42
N GLY C 176 -7.42 1.87 13.54
CA GLY C 176 -8.70 1.18 13.69
C GLY C 176 -9.82 2.15 14.02
N ASP C 177 -10.55 1.85 15.12
CA ASP C 177 -11.64 2.69 15.57
C ASP C 177 -11.26 4.11 15.98
N LYS C 178 -10.03 4.42 16.31
CA LYS C 178 -9.71 5.80 16.70
C LYS C 178 -9.21 6.62 15.51
N TRP C 179 -9.40 6.16 14.26
CA TRP C 179 -8.88 6.93 13.11
C TRP C 179 -9.58 8.26 12.99
N THR C 180 -10.79 8.43 13.51
CA THR C 180 -11.49 9.71 13.36
C THR C 180 -11.23 10.66 14.55
N GLN C 181 -10.45 10.27 15.55
CA GLN C 181 -10.05 11.31 16.55
C GLN C 181 -9.23 12.42 15.92
N PRO C 182 -9.33 13.67 16.38
CA PRO C 182 -8.62 14.80 15.86
C PRO C 182 -7.14 14.61 15.57
N ALA C 183 -6.35 13.88 16.36
CA ALA C 183 -4.93 13.73 16.08
C ALA C 183 -4.63 12.75 14.96
N ASN C 184 -5.61 11.90 14.60
CA ASN C 184 -5.32 10.86 13.62
C ASN C 184 -5.98 11.05 12.25
N ILE C 185 -7.14 11.70 12.25
CA ILE C 185 -7.98 11.81 11.05
C ILE C 185 -7.27 12.46 9.92
N VAL C 186 -7.56 12.01 8.70
CA VAL C 186 -7.09 12.61 7.45
C VAL C 186 -8.32 12.87 6.56
N THR C 187 -8.57 14.00 5.94
CA THR C 187 -9.81 14.35 5.27
C THR C 187 -9.56 14.93 3.91
N ASN C 188 -10.47 14.88 2.95
CA ASN C 188 -10.19 15.44 1.62
C ASN C 188 -11.24 16.46 1.19
N GLY C 189 -12.11 16.92 2.10
CA GLY C 189 -13.09 17.97 1.72
C GLY C 189 -12.53 19.35 2.03
N ALA C 190 -13.42 20.38 2.05
CA ALA C 190 -12.96 21.74 2.30
C ALA C 190 -12.42 22.00 3.68
N TYR C 191 -12.80 21.19 4.66
CA TYR C 191 -12.44 21.36 6.06
C TYR C 191 -11.73 20.14 6.66
N LYS C 192 -11.19 20.34 7.86
CA LYS C 192 -10.53 19.27 8.60
C LYS C 192 -10.97 19.41 10.07
N LEU C 193 -11.05 18.28 10.75
CA LEU C 193 -11.49 18.22 12.14
C LEU C 193 -10.49 18.87 13.12
N LYS C 194 -10.89 19.89 13.86
CA LYS C 194 -9.97 20.54 14.82
C LYS C 194 -10.25 20.07 16.24
N ASN C 195 -11.53 20.07 16.66
CA ASN C 195 -11.98 19.62 17.95
C ASN C 195 -13.25 18.75 17.93
N TRP C 196 -13.35 17.76 18.77
CA TRP C 196 -14.56 16.96 18.92
C TRP C 196 -14.81 16.74 20.43
N VAL C 197 -15.71 17.50 21.06
CA VAL C 197 -16.03 17.17 22.45
C VAL C 197 -17.44 16.54 22.48
N VAL C 198 -17.54 15.25 22.79
CA VAL C 198 -18.80 14.49 22.74
C VAL C 198 -19.90 15.14 23.55
N ASN C 199 -21.08 15.40 23.01
CA ASN C 199 -22.18 16.08 23.63
C ASN C 199 -21.95 17.55 23.85
N GLU C 200 -20.89 18.17 23.27
CA GLU C 200 -20.73 19.59 23.41
C GLU C 200 -20.49 20.27 22.07
N ARG C 201 -19.46 19.86 21.29
CA ARG C 201 -19.26 20.51 20.01
C ARG C 201 -18.31 19.75 19.07
N ILE C 202 -18.43 20.08 17.81
CA ILE C 202 -17.46 19.59 16.76
C ILE C 202 -17.02 20.88 16.14
N VAL C 203 -15.71 21.13 15.98
CA VAL C 203 -15.19 22.33 15.36
C VAL C 203 -14.34 21.91 14.17
N LEU C 204 -14.63 22.48 13.02
CA LEU C 204 -13.89 22.21 11.82
C LEU C 204 -13.13 23.49 11.45
N GLU C 205 -12.02 23.36 10.76
CA GLU C 205 -11.30 24.48 10.20
C GLU C 205 -10.84 24.22 8.77
N ARG C 206 -10.67 25.30 8.02
CA ARG C 206 -10.23 25.22 6.62
C ARG C 206 -9.11 24.22 6.44
N ASN C 207 -9.29 23.40 5.40
CA ASN C 207 -8.25 22.41 4.97
C ASN C 207 -7.51 23.06 3.79
N PRO C 208 -6.28 23.53 3.95
CA PRO C 208 -5.54 24.20 2.90
C PRO C 208 -5.15 23.34 1.70
N GLN C 209 -5.19 22.04 1.81
CA GLN C 209 -4.90 21.13 0.71
C GLN C 209 -6.10 20.83 -0.22
N TYR C 210 -7.27 21.36 0.07
CA TYR C 210 -8.46 21.12 -0.71
C TYR C 210 -8.24 21.74 -2.10
N TRP C 211 -8.58 20.98 -3.15
CA TRP C 211 -8.30 21.47 -4.54
C TRP C 211 -9.05 22.75 -4.83
N ASP C 212 -10.16 23.04 -4.11
CA ASP C 212 -10.96 24.24 -4.44
C ASP C 212 -10.82 25.25 -3.29
N ASN C 213 -9.71 25.18 -2.56
CA ASN C 213 -9.47 26.11 -1.43
C ASN C 213 -9.61 27.58 -1.73
N ALA C 214 -9.27 28.05 -2.94
CA ALA C 214 -9.43 29.45 -3.27
C ALA C 214 -10.88 29.89 -3.15
N LYS C 215 -11.87 28.98 -3.24
CA LYS C 215 -13.24 29.47 -3.19
C LYS C 215 -13.80 29.33 -1.77
N THR C 216 -13.03 28.72 -0.85
CA THR C 216 -13.58 28.49 0.47
C THR C 216 -13.57 29.84 1.21
N VAL C 217 -14.65 30.23 1.86
CA VAL C 217 -14.59 31.53 2.58
C VAL C 217 -14.64 31.39 4.07
N ILE C 218 -15.56 30.57 4.61
CA ILE C 218 -15.67 30.40 6.06
C ILE C 218 -14.41 29.66 6.51
N ASN C 219 -13.74 30.22 7.53
CA ASN C 219 -12.51 29.61 8.04
C ASN C 219 -12.64 28.58 9.14
N GLN C 220 -13.73 28.63 9.88
CA GLN C 220 -14.11 27.77 10.97
C GLN C 220 -15.64 27.61 11.06
N VAL C 221 -16.10 26.38 11.36
CA VAL C 221 -17.52 26.18 11.57
C VAL C 221 -17.67 25.25 12.75
N THR C 222 -18.62 25.57 13.63
CA THR C 222 -18.82 24.72 14.81
C THR C 222 -20.21 24.05 14.66
N TYR C 223 -20.28 22.76 14.90
CA TYR C 223 -21.57 22.05 14.85
C TYR C 223 -21.95 21.69 16.29
N LEU C 224 -23.13 22.09 16.77
CA LEU C 224 -23.56 21.71 18.14
C LEU C 224 -24.53 20.55 18.06
N PRO C 225 -24.75 19.83 19.17
CA PRO C 225 -25.65 18.68 19.16
C PRO C 225 -26.94 18.90 19.96
N ILE C 226 -27.57 20.09 19.84
CA ILE C 226 -28.73 20.27 20.76
C ILE C 226 -30.00 19.59 20.25
N SER C 227 -30.58 18.67 21.00
CA SER C 227 -31.79 17.97 20.51
C SER C 227 -33.08 18.65 20.94
N SER C 228 -32.98 19.68 21.80
CA SER C 228 -34.18 20.46 22.20
C SER C 228 -34.36 21.59 21.24
N GLU C 229 -35.44 21.57 20.42
CA GLU C 229 -35.70 22.54 19.41
C GLU C 229 -35.97 23.94 20.04
N VAL C 230 -36.50 23.92 21.25
CA VAL C 230 -36.77 25.18 21.97
C VAL C 230 -35.39 25.75 22.35
N THR C 231 -34.48 24.96 22.90
CA THR C 231 -33.16 25.48 23.25
C THR C 231 -32.38 26.04 22.06
N ASP C 232 -32.45 25.35 20.91
CA ASP C 232 -31.90 25.76 19.63
C ASP C 232 -32.39 27.16 19.30
N VAL C 233 -33.69 27.39 19.24
CA VAL C 233 -34.25 28.71 18.92
C VAL C 233 -33.83 29.75 19.99
N ASN C 234 -33.86 29.44 21.26
CA ASN C 234 -33.48 30.40 22.29
C ASN C 234 -32.01 30.83 22.10
N ARG C 235 -31.09 29.88 21.97
CA ARG C 235 -29.68 30.23 21.78
C ARG C 235 -29.43 30.96 20.48
N TYR C 236 -30.23 30.78 19.44
CA TYR C 236 -30.13 31.54 18.22
C TYR C 236 -30.54 33.01 18.46
N ARG C 237 -31.61 33.22 19.21
CA ARG C 237 -32.16 34.54 19.51
C ARG C 237 -31.20 35.30 20.43
N SER C 238 -30.44 34.63 21.24
CA SER C 238 -29.41 35.24 22.09
C SER C 238 -28.08 35.45 21.38
N GLY C 239 -27.99 35.29 20.07
CA GLY C 239 -26.85 35.44 19.24
C GLY C 239 -25.74 34.42 19.29
N GLU C 240 -25.92 33.22 19.84
CA GLU C 240 -24.84 32.24 19.88
C GLU C 240 -24.90 31.34 18.64
N ILE C 241 -26.02 31.17 17.99
CA ILE C 241 -26.20 30.29 16.84
C ILE C 241 -26.57 31.06 15.60
N ASP C 242 -25.86 30.85 14.49
CA ASP C 242 -26.12 31.51 13.24
C ASP C 242 -27.18 30.81 12.38
N MET C 243 -27.26 29.47 12.48
CA MET C 243 -28.24 28.72 11.62
C MET C 243 -28.82 27.61 12.49
N THR C 244 -30.10 27.49 12.79
CA THR C 244 -30.59 26.45 13.68
C THR C 244 -30.58 25.11 12.91
N TYR C 245 -30.90 24.06 13.60
CA TYR C 245 -31.19 22.77 12.89
C TYR C 245 -32.56 22.93 12.24
N ASN C 246 -32.91 22.05 11.27
CA ASN C 246 -34.15 22.21 10.56
C ASN C 246 -35.26 21.32 11.11
N ASN C 247 -35.50 21.41 12.38
CA ASN C 247 -36.59 20.88 13.14
C ASN C 247 -37.09 22.12 13.96
N MET C 248 -38.36 22.51 13.82
CA MET C 248 -38.84 23.69 14.57
C MET C 248 -39.87 23.32 15.63
N PRO C 249 -39.84 23.92 16.82
CA PRO C 249 -40.78 23.63 17.89
C PRO C 249 -42.18 24.12 17.54
N ILE C 250 -43.20 23.40 18.01
CA ILE C 250 -44.56 23.87 17.68
C ILE C 250 -44.92 25.16 18.39
N GLU C 251 -44.60 25.33 19.63
CA GLU C 251 -44.83 26.43 20.52
C GLU C 251 -44.42 27.83 20.04
N LEU C 252 -43.25 27.95 19.41
CA LEU C 252 -42.70 29.23 19.01
C LEU C 252 -42.80 29.59 17.53
N PHE C 253 -43.07 28.63 16.63
CA PHE C 253 -43.05 28.93 15.23
C PHE C 253 -43.88 30.15 14.81
N GLN C 254 -45.13 30.19 15.25
CA GLN C 254 -46.03 31.27 14.87
C GLN C 254 -45.55 32.65 15.25
N LYS C 255 -45.04 32.79 16.45
CA LYS C 255 -44.50 34.03 16.98
C LYS C 255 -43.12 34.34 16.44
N LEU C 256 -42.39 33.38 15.87
CA LEU C 256 -41.11 33.71 15.23
C LEU C 256 -41.42 34.30 13.85
N LYS C 257 -42.50 33.79 13.22
CA LYS C 257 -42.88 34.25 11.90
C LYS C 257 -43.37 35.69 11.88
N LYS C 258 -43.84 36.22 12.99
CA LYS C 258 -44.28 37.62 12.94
C LYS C 258 -43.23 38.50 13.58
N GLU C 259 -42.40 37.99 14.47
CA GLU C 259 -41.32 38.72 15.09
C GLU C 259 -40.09 38.83 14.20
N ILE C 260 -39.64 37.75 13.52
CA ILE C 260 -38.50 37.80 12.62
C ILE C 260 -38.79 37.02 11.33
N PRO C 261 -39.63 37.54 10.46
CA PRO C 261 -40.08 36.87 9.26
C PRO C 261 -39.05 36.70 8.16
N ASN C 262 -38.05 37.57 8.14
CA ASN C 262 -37.00 37.43 7.11
C ASN C 262 -35.98 36.37 7.49
N GLU C 263 -35.96 35.91 8.74
CA GLU C 263 -35.02 34.88 9.15
C GLU C 263 -35.64 33.48 9.17
N VAL C 264 -36.95 33.39 8.95
CA VAL C 264 -37.63 32.09 8.98
C VAL C 264 -37.62 31.52 7.58
N ARG C 265 -36.83 30.49 7.27
CA ARG C 265 -36.77 29.97 5.90
C ARG C 265 -37.59 28.68 5.81
N VAL C 266 -38.52 28.67 4.85
CA VAL C 266 -39.38 27.50 4.68
C VAL C 266 -39.31 27.08 3.22
N ASP C 267 -38.73 25.92 2.91
CA ASP C 267 -38.58 25.49 1.51
C ASP C 267 -38.94 24.01 1.34
N PRO C 268 -39.29 23.60 0.15
CA PRO C 268 -39.64 22.22 -0.21
C PRO C 268 -38.53 21.26 0.19
N TYR C 269 -38.91 20.05 0.64
CA TYR C 269 -37.90 19.13 1.17
C TYR C 269 -38.31 17.70 0.80
N LEU C 270 -37.37 16.87 0.37
CA LEU C 270 -37.77 15.53 -0.06
C LEU C 270 -37.60 14.55 1.11
N CYS C 271 -38.48 14.71 2.11
CA CYS C 271 -38.38 13.80 3.26
C CYS C 271 -39.83 13.43 3.65
N THR C 272 -40.03 12.31 4.28
CA THR C 272 -41.41 11.95 4.72
C THR C 272 -41.36 11.58 6.20
N TYR C 273 -42.31 12.06 6.99
CA TYR C 273 -42.40 11.72 8.41
C TYR C 273 -43.47 10.62 8.58
N TYR C 274 -43.11 9.49 9.25
CA TYR C 274 -44.08 8.42 9.31
C TYR C 274 -43.87 7.65 10.63
N TYR C 275 -44.89 6.84 10.94
CA TYR C 275 -44.67 5.95 12.11
C TYR C 275 -44.36 4.57 11.46
N GLU C 276 -43.20 4.08 11.83
CA GLU C 276 -42.68 2.80 11.33
C GLU C 276 -43.21 1.65 12.17
N ILE C 277 -43.78 0.63 11.56
CA ILE C 277 -44.25 -0.53 12.29
C ILE C 277 -43.21 -1.61 12.28
N ASN C 278 -42.93 -2.34 13.36
CA ASN C 278 -42.04 -3.52 13.29
C ASN C 278 -42.93 -4.61 12.68
N ASN C 279 -42.77 -4.85 11.35
CA ASN C 279 -43.69 -5.80 10.64
C ASN C 279 -43.50 -7.24 11.00
N GLN C 280 -42.40 -7.62 11.68
CA GLN C 280 -42.23 -9.04 12.10
C GLN C 280 -42.67 -9.32 13.55
N LYS C 281 -43.14 -8.36 14.29
CA LYS C 281 -43.47 -8.58 15.73
C LYS C 281 -44.99 -8.64 16.02
N ALA C 282 -45.47 -9.76 16.56
CA ALA C 282 -46.94 -9.88 16.80
C ALA C 282 -47.42 -8.85 17.79
N PRO C 283 -48.60 -8.22 17.64
CA PRO C 283 -49.58 -8.53 16.59
C PRO C 283 -49.50 -7.58 15.39
N PHE C 284 -48.33 -6.93 15.18
CA PHE C 284 -48.10 -6.01 14.06
C PHE C 284 -47.77 -6.76 12.75
N ASN C 285 -47.67 -8.07 12.78
CA ASN C 285 -47.45 -8.94 11.63
C ASN C 285 -48.80 -9.20 10.98
N ASP C 286 -49.87 -8.64 11.56
CA ASP C 286 -51.20 -8.79 10.98
C ASP C 286 -51.57 -7.56 10.22
N VAL C 287 -51.81 -7.61 8.92
CA VAL C 287 -52.12 -6.45 8.09
C VAL C 287 -53.37 -5.73 8.61
N ARG C 288 -54.33 -6.42 9.28
CA ARG C 288 -55.53 -5.69 9.75
C ARG C 288 -55.10 -4.66 10.78
N VAL C 289 -54.22 -5.00 11.74
CA VAL C 289 -53.77 -4.13 12.79
C VAL C 289 -52.98 -2.97 12.19
N ARG C 290 -52.07 -3.24 11.24
CA ARG C 290 -51.35 -2.09 10.63
C ARG C 290 -52.28 -1.14 9.93
N THR C 291 -53.25 -1.70 9.20
CA THR C 291 -54.18 -0.86 8.40
C THR C 291 -55.05 -0.03 9.34
N ALA C 292 -55.49 -0.60 10.46
CA ALA C 292 -56.32 0.20 11.41
C ALA C 292 -55.56 1.41 11.87
N LEU C 293 -54.30 1.22 12.29
CA LEU C 293 -53.49 2.37 12.76
C LEU C 293 -53.31 3.41 11.68
N LYS C 294 -53.03 2.96 10.43
CA LYS C 294 -52.81 3.89 9.35
C LYS C 294 -54.06 4.78 9.15
N LEU C 295 -55.24 4.17 9.07
CA LEU C 295 -56.52 4.86 8.79
C LEU C 295 -57.04 5.77 9.89
N ALA C 296 -56.87 5.36 11.14
CA ALA C 296 -57.33 6.10 12.30
C ALA C 296 -56.51 7.32 12.65
N LEU C 297 -55.32 7.45 12.07
CA LEU C 297 -54.54 8.66 12.41
C LEU C 297 -55.18 9.79 11.63
N ASP C 298 -55.52 10.92 12.17
CA ASP C 298 -56.20 12.01 11.47
C ASP C 298 -55.14 13.05 11.08
N ARG C 299 -54.69 13.03 9.83
CA ARG C 299 -53.63 13.87 9.31
C ARG C 299 -53.99 15.36 9.27
N ASP C 300 -55.25 15.62 9.00
CA ASP C 300 -55.76 16.99 9.02
C ASP C 300 -55.51 17.61 10.37
N ILE C 301 -55.88 17.02 11.49
CA ILE C 301 -55.68 17.51 12.84
C ILE C 301 -54.18 17.62 13.14
N ILE C 302 -53.46 16.50 12.93
CA ILE C 302 -52.00 16.55 13.24
C ILE C 302 -51.20 17.55 12.43
N VAL C 303 -51.29 17.57 11.13
CA VAL C 303 -50.46 18.38 10.23
C VAL C 303 -50.96 19.78 10.00
N ASN C 304 -52.26 19.97 9.80
CA ASN C 304 -52.84 21.28 9.53
C ASN C 304 -53.21 22.05 10.81
N LYS C 305 -53.70 21.45 11.88
CA LYS C 305 -54.12 22.15 13.06
C LYS C 305 -53.14 22.18 14.23
N VAL C 306 -52.52 21.06 14.54
CA VAL C 306 -51.55 20.98 15.60
C VAL C 306 -50.19 21.51 15.13
N LYS C 307 -49.59 20.98 14.05
CA LYS C 307 -48.24 21.44 13.67
C LYS C 307 -48.34 22.74 12.90
N ASN C 308 -49.05 22.78 11.79
CA ASN C 308 -49.31 23.97 11.02
C ASN C 308 -48.04 24.75 10.66
N GLN C 309 -47.11 24.06 10.01
CA GLN C 309 -45.84 24.71 9.60
C GLN C 309 -45.73 24.59 8.08
N GLY C 310 -46.80 24.16 7.41
CA GLY C 310 -46.78 24.08 5.95
C GLY C 310 -46.40 22.69 5.42
N ASP C 311 -46.30 21.66 6.27
CA ASP C 311 -46.01 20.31 5.71
C ASP C 311 -47.27 19.81 4.98
N LEU C 312 -47.26 18.79 4.15
CA LEU C 312 -48.39 18.28 3.41
C LEU C 312 -48.77 16.90 3.94
N PRO C 313 -50.05 16.64 4.23
CA PRO C 313 -50.53 15.34 4.65
C PRO C 313 -50.08 14.28 3.64
N ALA C 314 -49.52 13.16 4.17
CA ALA C 314 -48.99 12.14 3.30
C ALA C 314 -49.81 10.86 3.18
N TYR C 315 -49.83 10.24 2.01
CA TYR C 315 -50.52 9.02 1.71
C TYR C 315 -49.57 8.01 1.09
N SER C 316 -48.28 8.31 1.07
CA SER C 316 -47.30 7.47 0.45
C SER C 316 -45.94 7.59 1.20
N TYR C 317 -45.00 6.76 0.80
CA TYR C 317 -43.64 6.81 1.40
C TYR C 317 -42.84 7.79 0.57
N THR C 318 -42.69 7.54 -0.73
CA THR C 318 -41.99 8.45 -1.64
C THR C 318 -42.77 9.77 -1.80
N PRO C 319 -42.18 10.92 -1.57
CA PRO C 319 -42.91 12.19 -1.74
C PRO C 319 -43.34 12.26 -3.21
N PRO C 320 -44.53 12.78 -3.47
CA PRO C 320 -45.09 12.84 -4.82
C PRO C 320 -44.36 13.82 -5.71
N TYR C 321 -43.59 14.72 -5.16
CA TYR C 321 -42.83 15.71 -5.95
C TYR C 321 -41.41 15.24 -6.22
N THR C 322 -41.10 13.95 -5.96
CA THR C 322 -39.82 13.36 -6.31
C THR C 322 -39.73 13.28 -7.83
N ASP C 323 -38.55 13.59 -8.36
CA ASP C 323 -38.32 13.54 -9.83
C ASP C 323 -38.59 12.13 -10.32
N GLY C 324 -39.48 11.90 -11.28
CA GLY C 324 -39.81 10.59 -11.79
C GLY C 324 -41.00 9.95 -11.07
N ALA C 325 -41.60 10.61 -10.05
CA ALA C 325 -42.72 9.98 -9.36
C ALA C 325 -44.06 10.33 -10.00
N LYS C 326 -44.92 9.37 -10.26
CA LYS C 326 -46.28 9.67 -10.72
C LYS C 326 -47.15 8.76 -9.88
N LEU C 327 -47.54 9.16 -8.70
CA LEU C 327 -48.26 8.29 -7.78
C LEU C 327 -49.76 8.40 -7.87
N VAL C 328 -50.45 7.36 -7.43
CA VAL C 328 -51.90 7.32 -7.41
C VAL C 328 -52.39 7.49 -5.99
N GLU C 329 -53.20 8.47 -5.69
CA GLU C 329 -53.75 8.63 -4.34
C GLU C 329 -54.64 7.43 -4.01
N PRO C 330 -54.43 6.76 -2.89
CA PRO C 330 -55.26 5.60 -2.49
C PRO C 330 -56.68 6.02 -2.15
N GLU C 331 -57.58 5.06 -2.33
CA GLU C 331 -59.01 5.31 -2.04
C GLU C 331 -59.26 5.72 -0.63
N TRP C 332 -58.53 5.11 0.33
CA TRP C 332 -58.76 5.45 1.73
C TRP C 332 -58.43 6.93 2.01
N PHE C 333 -57.54 7.56 1.26
CA PHE C 333 -57.20 8.96 1.55
C PHE C 333 -58.27 9.91 1.02
N LYS C 334 -59.16 9.43 0.15
CA LYS C 334 -60.25 10.30 -0.38
C LYS C 334 -61.49 10.23 0.52
N TRP C 335 -61.59 9.21 1.40
CA TRP C 335 -62.77 9.16 2.30
C TRP C 335 -62.71 10.29 3.31
N SER C 336 -63.76 10.49 4.07
CA SER C 336 -63.80 11.40 5.19
C SER C 336 -63.07 10.68 6.35
N GLN C 337 -62.72 11.43 7.37
CA GLN C 337 -62.07 10.83 8.52
C GLN C 337 -63.04 9.91 9.26
N GLN C 338 -64.31 10.28 9.36
CA GLN C 338 -65.26 9.39 10.08
C GLN C 338 -65.42 8.07 9.40
N LYS C 339 -65.37 7.95 8.11
CA LYS C 339 -65.42 6.72 7.34
C LYS C 339 -64.12 5.92 7.55
N ARG C 340 -62.96 6.62 7.54
CA ARG C 340 -61.71 5.94 7.91
C ARG C 340 -61.77 5.35 9.31
N ASN C 341 -62.26 6.09 10.30
CA ASN C 341 -62.33 5.57 11.65
C ASN C 341 -63.24 4.34 11.79
N GLU C 342 -64.37 4.34 11.09
CA GLU C 342 -65.30 3.19 11.11
C GLU C 342 -64.67 1.94 10.49
N GLU C 343 -64.02 2.10 9.36
CA GLU C 343 -63.30 0.92 8.79
C GLU C 343 -62.15 0.45 9.68
N ALA C 344 -61.35 1.41 10.23
CA ALA C 344 -60.29 1.03 11.16
C ALA C 344 -60.80 0.26 12.39
N LYS C 345 -61.83 0.69 13.08
CA LYS C 345 -62.32 -0.04 14.25
C LYS C 345 -62.81 -1.45 13.88
N LYS C 346 -63.52 -1.58 12.78
CA LYS C 346 -63.86 -2.92 12.28
C LYS C 346 -62.67 -3.86 12.08
N LEU C 347 -61.65 -3.40 11.37
CA LEU C 347 -60.45 -4.21 11.08
C LEU C 347 -59.77 -4.64 12.39
N LEU C 348 -59.57 -3.77 13.34
CA LEU C 348 -58.92 -4.10 14.61
C LEU C 348 -59.76 -5.12 15.41
N ALA C 349 -61.07 -4.91 15.40
CA ALA C 349 -62.02 -5.88 16.03
C ALA C 349 -61.99 -7.26 15.39
N GLU C 350 -61.79 -7.38 14.10
CA GLU C 350 -61.62 -8.67 13.45
C GLU C 350 -60.36 -9.36 13.95
N ALA C 351 -59.35 -8.52 14.24
CA ALA C 351 -58.09 -9.07 14.73
C ALA C 351 -58.16 -9.42 16.20
N GLY C 352 -59.27 -9.11 16.88
CA GLY C 352 -59.41 -9.47 18.29
C GLY C 352 -59.40 -8.30 19.27
N PHE C 353 -59.21 -7.05 18.87
CA PHE C 353 -59.13 -5.95 19.81
C PHE C 353 -60.22 -4.92 19.72
N THR C 354 -60.80 -4.54 20.86
CA THR C 354 -61.83 -3.50 20.87
C THR C 354 -61.60 -2.59 22.07
N ALA C 355 -62.44 -1.59 22.32
CA ALA C 355 -62.22 -0.72 23.49
C ALA C 355 -62.25 -1.46 24.80
N ASP C 356 -63.10 -2.47 24.98
CA ASP C 356 -63.17 -3.25 26.20
C ASP C 356 -62.07 -4.28 26.30
N LYS C 357 -61.39 -4.72 25.25
CA LYS C 357 -60.26 -5.71 25.42
C LYS C 357 -59.17 -5.17 24.46
N PRO C 358 -58.54 -4.10 24.88
CA PRO C 358 -57.70 -3.28 24.02
C PRO C 358 -56.31 -3.71 23.64
N LEU C 359 -55.84 -3.15 22.55
CA LEU C 359 -54.44 -3.35 22.11
C LEU C 359 -53.57 -2.35 22.88
N THR C 360 -52.52 -2.81 23.53
CA THR C 360 -51.56 -1.92 24.17
C THR C 360 -50.19 -2.06 23.48
N PHE C 361 -49.47 -0.97 23.24
CA PHE C 361 -48.10 -1.12 22.69
C PHE C 361 -47.26 0.11 23.02
N ASP C 362 -45.95 0.01 22.73
CA ASP C 362 -45.01 1.11 23.05
C ASP C 362 -44.79 1.96 21.80
N LEU C 363 -44.66 3.26 21.92
CA LEU C 363 -44.46 4.19 20.80
C LEU C 363 -43.06 4.75 21.06
N LEU C 364 -42.04 4.36 20.27
CA LEU C 364 -40.70 4.94 20.54
C LEU C 364 -40.43 6.21 19.77
N TYR C 365 -39.77 7.26 20.30
CA TYR C 365 -39.34 8.42 19.53
C TYR C 365 -37.96 8.87 20.03
N ASN C 366 -37.22 9.63 19.21
CA ASN C 366 -35.90 10.07 19.62
C ASN C 366 -36.09 11.42 20.35
N THR C 367 -35.38 11.59 21.46
CA THR C 367 -35.52 12.79 22.31
C THR C 367 -35.55 14.08 21.55
N SER C 368 -36.59 14.89 21.75
CA SER C 368 -36.87 16.09 20.99
C SER C 368 -38.16 16.73 21.49
N ASP C 369 -38.27 18.05 21.46
CA ASP C 369 -39.52 18.69 21.94
C ASP C 369 -40.57 18.51 20.88
N LEU C 370 -40.16 18.63 19.59
CA LEU C 370 -41.19 18.44 18.55
C LEU C 370 -41.71 17.00 18.50
N HIS C 371 -40.84 15.95 18.52
CA HIS C 371 -41.38 14.58 18.39
C HIS C 371 -42.22 14.22 19.62
N LYS C 372 -41.79 14.63 20.81
CA LYS C 372 -42.60 14.41 22.00
C LYS C 372 -44.01 15.00 21.83
N LYS C 373 -44.21 16.22 21.42
CA LYS C 373 -45.52 16.83 21.25
C LYS C 373 -46.41 16.13 20.24
N LEU C 374 -45.85 15.76 19.08
CA LEU C 374 -46.61 15.01 18.09
C LEU C 374 -46.94 13.62 18.62
N ALA C 375 -46.05 12.89 19.27
CA ALA C 375 -46.35 11.57 19.83
C ALA C 375 -47.53 11.57 20.82
N ILE C 376 -47.55 12.55 21.73
CA ILE C 376 -48.65 12.82 22.64
C ILE C 376 -49.92 13.05 21.89
N ALA C 377 -49.95 13.88 20.86
CA ALA C 377 -51.17 14.13 20.12
C ALA C 377 -51.64 12.86 19.37
N VAL C 378 -50.68 12.19 18.71
CA VAL C 378 -50.99 11.00 17.93
C VAL C 378 -51.51 9.91 18.88
N ALA C 379 -50.92 9.75 20.03
CA ALA C 379 -51.33 8.74 21.01
C ALA C 379 -52.78 9.00 21.47
N SER C 380 -53.08 10.27 21.62
CA SER C 380 -54.41 10.70 22.01
C SER C 380 -55.42 10.46 20.91
N ILE C 381 -55.09 10.75 19.62
CA ILE C 381 -56.01 10.48 18.50
C ILE C 381 -56.30 8.98 18.35
N TRP C 382 -55.29 8.10 18.41
CA TRP C 382 -55.48 6.67 18.37
C TRP C 382 -56.31 6.13 19.55
N LYS C 383 -56.12 6.61 20.74
CA LYS C 383 -56.91 6.23 21.90
C LYS C 383 -58.37 6.64 21.64
N LYS C 384 -58.61 7.88 21.25
CA LYS C 384 -59.93 8.34 20.92
C LYS C 384 -60.61 7.54 19.80
N ASN C 385 -59.94 7.35 18.67
CA ASN C 385 -60.55 6.69 17.52
C ASN C 385 -60.48 5.17 17.56
N LEU C 386 -59.57 4.50 18.24
CA LEU C 386 -59.48 3.06 18.27
C LEU C 386 -59.56 2.45 19.63
N GLY C 387 -59.35 3.23 20.67
CA GLY C 387 -59.39 2.69 22.00
C GLY C 387 -58.13 1.96 22.41
N VAL C 388 -57.06 2.22 21.68
CA VAL C 388 -55.74 1.60 21.95
C VAL C 388 -55.06 2.34 23.09
N ASN C 389 -54.22 1.70 23.89
CA ASN C 389 -53.40 2.31 24.91
C ASN C 389 -51.93 2.34 24.44
N VAL C 390 -51.35 3.55 24.40
CA VAL C 390 -49.95 3.57 23.92
C VAL C 390 -49.00 4.12 24.96
N ASN C 391 -47.96 3.42 25.30
CA ASN C 391 -46.92 3.88 26.22
C ASN C 391 -45.76 4.54 25.44
N LEU C 392 -45.46 5.79 25.80
CA LEU C 392 -44.39 6.56 25.16
C LEU C 392 -43.01 6.21 25.67
N GLU C 393 -41.99 6.11 24.85
CA GLU C 393 -40.62 5.89 25.33
C GLU C 393 -39.68 6.73 24.47
N ASN C 394 -38.71 7.42 25.08
CA ASN C 394 -37.77 8.16 24.22
C ASN C 394 -36.37 7.63 24.39
N GLN C 395 -35.54 7.64 23.34
CA GLN C 395 -34.13 7.23 23.42
C GLN C 395 -33.30 8.31 22.71
N GLU C 396 -32.00 8.42 23.03
CA GLU C 396 -31.15 9.39 22.35
C GLU C 396 -30.99 8.90 20.89
N TRP C 397 -30.62 9.78 20.01
CA TRP C 397 -30.54 9.51 18.56
C TRP C 397 -29.76 8.26 18.19
N LYS C 398 -28.51 8.14 18.64
CA LYS C 398 -27.75 6.97 18.23
C LYS C 398 -28.34 5.67 18.74
N THR C 399 -28.84 5.65 19.96
CA THR C 399 -29.43 4.47 20.54
C THR C 399 -30.75 4.17 19.81
N PHE C 400 -31.49 5.21 19.56
CA PHE C 400 -32.76 5.09 18.80
C PHE C 400 -32.60 4.37 17.44
N LEU C 401 -31.58 4.72 16.68
CA LEU C 401 -31.32 4.11 15.38
C LEU C 401 -30.94 2.65 15.56
N ASP C 402 -30.06 2.39 16.52
CA ASP C 402 -29.68 0.97 16.76
C ASP C 402 -30.83 0.05 17.16
N THR C 403 -31.69 0.53 18.05
CA THR C 403 -32.92 -0.18 18.42
C THR C 403 -33.70 -0.59 17.15
N ARG C 404 -33.97 0.34 16.26
CA ARG C 404 -34.81 0.04 15.06
C ARG C 404 -34.07 -0.99 14.21
N HIS C 405 -32.76 -0.90 13.99
CA HIS C 405 -32.11 -2.03 13.24
C HIS C 405 -32.25 -3.36 13.96
N GLN C 406 -32.13 -3.40 15.28
CA GLN C 406 -32.29 -4.63 16.05
C GLN C 406 -33.75 -5.13 16.09
N GLY C 407 -34.74 -4.28 15.94
CA GLY C 407 -36.11 -4.77 15.96
C GLY C 407 -36.68 -4.90 17.38
N THR C 408 -36.08 -4.17 18.35
CA THR C 408 -36.58 -4.27 19.74
C THR C 408 -37.52 -3.13 20.01
N PHE C 409 -38.58 -3.05 19.18
CA PHE C 409 -39.56 -1.98 19.30
C PHE C 409 -40.92 -2.43 18.74
N ASP C 410 -41.95 -1.68 19.00
CA ASP C 410 -43.27 -2.05 18.42
C ASP C 410 -43.52 -1.08 17.24
N VAL C 411 -43.67 0.20 17.64
CA VAL C 411 -43.95 1.28 16.64
C VAL C 411 -42.94 2.42 16.95
N ALA C 412 -42.26 2.99 15.95
CA ALA C 412 -41.37 4.09 16.20
C ALA C 412 -41.65 5.29 15.29
N ARG C 413 -41.41 6.51 15.83
CA ARG C 413 -41.54 7.69 14.95
C ARG C 413 -40.35 7.55 14.00
N ALA C 414 -40.46 8.02 12.76
CA ALA C 414 -39.35 7.97 11.84
C ALA C 414 -39.42 9.05 10.76
N GLY C 415 -38.22 9.28 10.15
CA GLY C 415 -38.25 10.23 9.00
C GLY C 415 -37.20 9.67 8.01
N TRP C 416 -37.49 9.69 6.69
CA TRP C 416 -36.51 9.29 5.71
C TRP C 416 -36.37 10.48 4.74
N CYS C 417 -35.14 10.92 4.46
CA CYS C 417 -34.90 11.95 3.46
C CYS C 417 -34.19 11.27 2.30
N ALA C 418 -34.47 11.72 1.07
CA ALA C 418 -33.84 11.15 -0.10
C ALA C 418 -32.31 11.36 -0.10
N ASP C 419 -31.61 10.37 -0.69
CA ASP C 419 -30.13 10.54 -0.84
C ASP C 419 -29.76 10.96 -2.28
N TYR C 420 -30.72 10.75 -3.17
CA TYR C 420 -30.61 11.19 -4.57
C TYR C 420 -32.04 11.45 -5.03
N ASN C 421 -32.32 12.36 -5.98
CA ASN C 421 -33.68 12.69 -6.37
C ASN C 421 -34.27 11.72 -7.41
N GLU C 422 -34.79 10.59 -6.93
CA GLU C 422 -35.30 9.52 -7.89
C GLU C 422 -36.04 8.59 -6.94
N PRO C 423 -37.16 7.98 -7.31
CA PRO C 423 -37.97 7.22 -6.40
C PRO C 423 -37.29 6.06 -5.74
N THR C 424 -36.22 5.45 -6.35
CA THR C 424 -35.62 4.31 -5.67
C THR C 424 -34.91 4.68 -4.40
N SER C 425 -34.50 5.95 -4.28
CA SER C 425 -33.85 6.41 -3.01
C SER C 425 -34.78 6.17 -1.80
N PHE C 426 -36.08 6.19 -1.92
CA PHE C 426 -37.05 5.73 -0.93
C PHE C 426 -37.31 4.21 -1.09
N LEU C 427 -37.79 3.78 -2.27
CA LEU C 427 -38.30 2.39 -2.42
C LEU C 427 -37.27 1.32 -2.14
N ASN C 428 -36.00 1.57 -2.45
CA ASN C 428 -34.96 0.52 -2.22
C ASN C 428 -34.81 0.18 -0.72
N THR C 429 -35.19 1.11 0.16
CA THR C 429 -35.04 0.77 1.62
C THR C 429 -36.08 -0.20 2.11
N MET C 430 -37.08 -0.59 1.33
CA MET C 430 -38.09 -1.55 1.72
C MET C 430 -37.81 -2.95 1.12
N LEU C 431 -36.76 -3.06 0.35
CA LEU C 431 -36.38 -4.40 -0.18
C LEU C 431 -36.09 -5.35 1.00
N SER C 432 -36.38 -6.63 0.84
CA SER C 432 -36.30 -7.55 1.95
C SER C 432 -34.88 -7.64 2.50
N ASP C 433 -33.85 -7.56 1.68
CA ASP C 433 -32.52 -7.72 2.26
C ASP C 433 -31.83 -6.37 2.52
N SER C 434 -32.49 -5.24 2.39
CA SER C 434 -31.79 -3.96 2.45
C SER C 434 -31.24 -3.78 3.88
N SER C 435 -30.03 -3.25 4.00
CA SER C 435 -29.47 -2.84 5.27
C SER C 435 -30.24 -1.62 5.83
N ASN C 436 -31.01 -0.88 5.04
CA ASN C 436 -31.81 0.27 5.51
C ASN C 436 -33.23 -0.10 5.88
N ASN C 437 -33.61 -1.37 5.81
CA ASN C 437 -35.02 -1.74 6.11
C ASN C 437 -35.17 -1.89 7.62
N THR C 438 -35.47 -0.84 8.36
CA THR C 438 -35.79 -0.83 9.75
C THR C 438 -37.27 -1.07 10.00
N ALA C 439 -38.12 -1.18 8.95
CA ALA C 439 -39.51 -1.62 9.15
C ALA C 439 -39.55 -3.11 9.23
N HIS C 440 -38.41 -3.77 8.84
CA HIS C 440 -38.32 -5.25 8.79
C HIS C 440 -39.45 -5.79 7.88
N TYR C 441 -39.79 -5.12 6.80
CA TYR C 441 -40.91 -5.57 5.92
C TYR C 441 -40.29 -6.49 4.87
N LYS C 442 -40.95 -7.61 4.53
CA LYS C 442 -40.35 -8.55 3.59
C LYS C 442 -41.43 -9.04 2.61
N SER C 443 -41.46 -8.48 1.40
CA SER C 443 -42.44 -8.91 0.42
C SER C 443 -41.71 -9.28 -0.89
N PRO C 444 -41.87 -10.54 -1.33
CA PRO C 444 -41.30 -11.02 -2.60
C PRO C 444 -41.94 -10.25 -3.74
N ALA C 445 -43.21 -9.92 -3.71
CA ALA C 445 -43.89 -9.17 -4.79
C ALA C 445 -43.26 -7.76 -4.94
N PHE C 446 -43.12 -7.08 -3.76
CA PHE C 446 -42.47 -5.77 -3.76
C PHE C 446 -41.05 -5.96 -4.30
N ASP C 447 -40.21 -6.93 -3.82
CA ASP C 447 -38.90 -7.03 -4.34
C ASP C 447 -38.82 -7.23 -5.90
N LYS C 448 -39.76 -8.03 -6.44
CA LYS C 448 -39.73 -8.19 -7.92
C LYS C 448 -40.15 -6.92 -8.62
N LEU C 449 -41.15 -6.16 -8.12
CA LEU C 449 -41.46 -4.91 -8.76
C LEU C 449 -40.26 -3.96 -8.89
N ILE C 450 -39.52 -3.81 -7.80
CA ILE C 450 -38.31 -2.95 -7.94
C ILE C 450 -37.22 -3.59 -8.79
N ALA C 451 -36.95 -4.86 -8.71
CA ALA C 451 -35.89 -5.51 -9.58
C ALA C 451 -36.25 -5.29 -11.08
N ASP C 452 -37.53 -5.34 -11.40
CA ASP C 452 -38.06 -5.14 -12.76
C ASP C 452 -37.86 -3.73 -13.27
N THR C 453 -37.70 -2.71 -12.36
CA THR C 453 -37.49 -1.38 -12.88
C THR C 453 -36.18 -1.23 -13.64
N LEU C 454 -35.17 -2.02 -13.45
CA LEU C 454 -33.94 -1.97 -14.21
C LEU C 454 -33.98 -2.90 -15.46
N LYS C 455 -35.09 -3.59 -15.69
CA LYS C 455 -35.19 -4.44 -16.87
C LYS C 455 -36.13 -3.88 -17.94
N VAL C 456 -36.70 -2.72 -17.77
CA VAL C 456 -37.68 -2.13 -18.66
C VAL C 456 -37.03 -1.56 -19.94
N ALA C 457 -37.88 -1.39 -20.98
CA ALA C 457 -37.37 -0.80 -22.23
C ALA C 457 -37.57 0.71 -22.28
N ASP C 458 -38.34 1.34 -21.42
CA ASP C 458 -38.49 2.79 -21.47
C ASP C 458 -38.84 3.37 -20.11
N ASP C 459 -38.47 4.63 -19.90
CA ASP C 459 -38.67 5.38 -18.67
C ASP C 459 -40.12 5.50 -18.25
N THR C 460 -41.04 5.49 -19.24
CA THR C 460 -42.46 5.57 -18.92
C THR C 460 -42.89 4.30 -18.17
N GLN C 461 -42.36 3.17 -18.61
CA GLN C 461 -42.75 1.92 -17.89
C GLN C 461 -42.11 1.93 -16.49
N ARG C 462 -40.91 2.50 -16.35
CA ARG C 462 -40.20 2.60 -15.08
C ARG C 462 -41.10 3.32 -14.08
N SER C 463 -41.67 4.44 -14.45
CA SER C 463 -42.59 5.22 -13.63
C SER C 463 -43.85 4.50 -13.23
N GLU C 464 -44.44 3.75 -14.15
CA GLU C 464 -45.59 2.93 -13.78
C GLU C 464 -45.23 1.94 -12.69
N LEU C 465 -44.09 1.29 -12.80
CA LEU C 465 -43.67 0.26 -11.82
C LEU C 465 -43.46 0.90 -10.44
N TYR C 466 -42.92 2.12 -10.36
CA TYR C 466 -42.75 2.79 -9.07
C TYR C 466 -44.10 3.05 -8.40
N ALA C 467 -45.13 3.45 -9.19
CA ALA C 467 -46.45 3.70 -8.61
C ALA C 467 -47.03 2.38 -8.15
N LYS C 468 -46.87 1.30 -8.93
CA LYS C 468 -47.37 -0.01 -8.43
C LYS C 468 -46.62 -0.45 -7.14
N ALA C 469 -45.28 -0.20 -7.08
CA ALA C 469 -44.54 -0.54 -5.84
C ALA C 469 -45.11 0.24 -4.66
N GLU C 470 -45.37 1.55 -4.76
CA GLU C 470 -46.08 2.25 -3.67
C GLU C 470 -47.44 1.67 -3.36
N GLN C 471 -48.27 1.25 -4.36
CA GLN C 471 -49.56 0.64 -4.08
C GLN C 471 -49.44 -0.63 -3.29
N GLN C 472 -48.41 -1.45 -3.55
CA GLN C 472 -48.15 -2.67 -2.82
C GLN C 472 -47.78 -2.36 -1.37
N LEU C 473 -46.88 -1.41 -1.18
CA LEU C 473 -46.53 -1.03 0.23
C LEU C 473 -47.74 -0.56 1.01
N ASP C 474 -48.60 0.19 0.29
CA ASP C 474 -49.85 0.72 0.88
C ASP C 474 -50.86 -0.37 1.19
N LYS C 475 -51.00 -1.33 0.29
CA LYS C 475 -51.92 -2.47 0.51
C LYS C 475 -51.48 -3.32 1.70
N ASP C 476 -50.14 -3.45 1.91
CA ASP C 476 -49.63 -4.20 3.08
C ASP C 476 -49.57 -3.24 4.30
N SER C 477 -49.85 -1.96 4.20
CA SER C 477 -49.74 -1.00 5.36
C SER C 477 -48.43 -1.22 6.11
N ALA C 478 -47.32 -1.22 5.34
CA ALA C 478 -46.03 -1.47 5.97
C ALA C 478 -45.69 -0.35 6.95
N ILE C 479 -46.09 0.89 6.68
CA ILE C 479 -45.80 2.00 7.56
C ILE C 479 -47.07 2.89 7.64
N VAL C 480 -47.02 3.88 8.49
CA VAL C 480 -48.13 4.85 8.61
C VAL C 480 -47.57 6.23 8.18
N PRO C 481 -47.84 6.62 6.96
CA PRO C 481 -47.36 7.91 6.47
C PRO C 481 -48.09 9.05 7.19
N VAL C 482 -47.34 10.10 7.57
CA VAL C 482 -47.95 11.25 8.28
C VAL C 482 -47.90 12.52 7.45
N TYR C 483 -46.71 12.99 7.05
CA TYR C 483 -46.62 14.20 6.22
C TYR C 483 -45.32 14.24 5.40
N TYR C 484 -45.31 14.99 4.32
CA TYR C 484 -44.10 15.29 3.57
C TYR C 484 -43.57 16.59 4.18
N TYR C 485 -42.28 16.59 4.53
CA TYR C 485 -41.76 17.76 5.24
C TYR C 485 -41.60 18.99 4.35
N VAL C 486 -41.56 20.12 5.07
CA VAL C 486 -41.00 21.34 4.55
C VAL C 486 -39.66 21.46 5.31
N ASN C 487 -38.71 22.15 4.75
CA ASN C 487 -37.39 22.37 5.37
C ASN C 487 -37.55 23.74 6.06
N ALA C 488 -37.77 23.78 7.35
CA ALA C 488 -37.95 25.06 8.05
C ALA C 488 -36.81 25.22 9.06
N ARG C 489 -36.15 26.35 8.95
CA ARG C 489 -35.08 26.70 9.88
C ARG C 489 -34.91 28.25 9.99
N LEU C 490 -34.17 28.73 10.95
CA LEU C 490 -33.88 30.14 11.15
C LEU C 490 -32.45 30.38 10.67
N VAL C 491 -32.27 31.37 9.79
CA VAL C 491 -30.94 31.73 9.29
C VAL C 491 -30.66 33.25 9.51
N LYS C 492 -29.60 33.60 10.20
CA LYS C 492 -29.26 35.05 10.42
C LYS C 492 -29.17 35.76 9.11
N PRO C 493 -29.56 37.06 9.04
CA PRO C 493 -29.49 37.88 7.84
C PRO C 493 -28.10 38.01 7.23
N TRP C 494 -27.04 37.88 8.03
CA TRP C 494 -25.69 37.96 7.48
C TRP C 494 -25.16 36.66 6.90
N VAL C 495 -25.94 35.53 7.08
CA VAL C 495 -25.39 34.29 6.53
C VAL C 495 -25.66 34.35 5.06
N GLY C 496 -24.63 34.28 4.18
CA GLY C 496 -25.03 34.28 2.78
C GLY C 496 -24.75 32.93 2.13
N GLY C 497 -25.39 32.76 0.98
CA GLY C 497 -25.27 31.61 0.10
C GLY C 497 -26.26 30.49 0.39
N TYR C 498 -27.13 30.57 1.35
CA TYR C 498 -28.14 29.53 1.61
C TYR C 498 -29.37 29.87 0.77
N THR C 499 -29.53 29.33 -0.41
CA THR C 499 -30.66 29.64 -1.27
C THR C 499 -31.95 28.91 -0.88
N GLY C 500 -31.88 27.68 -0.39
CA GLY C 500 -33.12 26.99 -0.05
C GLY C 500 -33.66 26.24 -1.25
N LYS C 501 -33.04 26.26 -2.40
CA LYS C 501 -33.44 25.61 -3.61
C LYS C 501 -33.00 24.17 -3.79
N ASP C 502 -32.24 23.65 -2.85
CA ASP C 502 -31.84 22.22 -2.95
C ASP C 502 -32.91 21.49 -2.14
N PRO C 503 -33.75 20.66 -2.72
CA PRO C 503 -34.75 19.91 -1.99
C PRO C 503 -34.14 18.76 -1.18
N LEU C 504 -32.85 18.45 -1.40
CA LEU C 504 -32.18 17.47 -0.54
C LEU C 504 -31.46 18.12 0.64
N ASP C 505 -31.39 19.46 0.69
CA ASP C 505 -30.70 20.23 1.71
C ASP C 505 -29.23 19.77 1.81
N ASN C 506 -28.52 19.47 0.70
CA ASN C 506 -27.12 19.03 0.85
C ASN C 506 -26.23 20.27 0.98
N ILE C 507 -26.24 20.93 2.12
CA ILE C 507 -25.45 22.16 2.27
C ILE C 507 -23.99 21.82 2.47
N TYR C 508 -23.10 22.61 1.90
CA TYR C 508 -21.65 22.50 2.13
C TYR C 508 -21.27 23.86 2.78
N VAL C 509 -20.54 23.85 3.88
CA VAL C 509 -20.18 25.18 4.47
C VAL C 509 -19.21 25.93 3.56
N LYS C 510 -18.46 25.27 2.69
CA LYS C 510 -17.60 25.88 1.69
C LYS C 510 -18.43 26.77 0.78
N ASN C 511 -19.74 26.58 0.58
CA ASN C 511 -20.54 27.48 -0.25
C ASN C 511 -21.10 28.71 0.44
N LEU C 512 -20.99 28.88 1.75
CA LEU C 512 -21.54 29.99 2.48
C LEU C 512 -20.46 31.06 2.73
N TYR C 513 -20.91 32.20 3.28
CA TYR C 513 -20.04 33.33 3.61
C TYR C 513 -20.77 34.30 4.52
N ILE C 514 -19.97 35.03 5.33
CA ILE C 514 -20.53 35.97 6.28
C ILE C 514 -20.44 37.42 5.77
N ILE C 515 -21.61 38.01 5.66
CA ILE C 515 -21.79 39.40 5.22
C ILE C 515 -21.51 40.34 6.37
N LYS C 516 -20.75 41.43 6.10
CA LYS C 516 -20.43 42.39 7.17
C LYS C 516 -21.68 42.91 7.85
N HIS C 517 -21.72 42.92 9.17
CA HIS C 517 -22.87 43.39 9.92
C HIS C 517 -22.59 44.09 11.25
N LYS D 1 -31.44 8.88 3.87
CA LYS D 1 -30.77 9.16 5.23
C LYS D 1 -31.82 9.47 6.28
N GLY D 2 -31.61 8.94 7.50
CA GLY D 2 -32.69 9.07 8.52
C GLY D 2 -32.69 10.49 9.11
N LYS D 3 -33.87 10.95 9.51
CA LYS D 3 -33.98 12.31 10.06
C LYS D 3 -34.93 12.28 11.27
#